data_5ZMS
#
_entry.id   5ZMS
#
_cell.length_a   60.330
_cell.length_b   60.350
_cell.length_c   214.680
_cell.angle_alpha   90.00
_cell.angle_beta   90.00
_cell.angle_gamma   90.00
#
_symmetry.space_group_name_H-M   'P 21 21 21'
#
loop_
_entity.id
_entity.type
_entity.pdbx_description
1 polymer 'Serine protease subunit NS2B'
2 polymer 'NS3 protease'
3 polymer 4-guanidinomethyl-phenylacetyl-Lys-Lys-Arg-H
4 water water
#
loop_
_entity_poly.entity_id
_entity_poly.type
_entity_poly.pdbx_seq_one_letter_code
_entity_poly.pdbx_strand_id
1 'polypeptide(L)' MTGKSVDMYIERAGDITWEKDAEVTGNSPRLDVALDESGDFSLVEEDGPPMRE A,D,G,J
2 'polypeptide(L)'
;GSGALWDVPAPKEVKKGETTDGVYRVMTRRLLGSTQVGVGVMQEGVFHTMWHVTKGAALRSGEGRLDPYWGDVKQDLVSY
CGPWKLDAAWDGLSEVQLLAVPPGERAKNIQTLPGIFKTKDGDIGAVALDYPAGTSGSPILDKCGRVIGLYGNGVVIKNG
SYVSAITQGKREEETPVE
;
B,E,H,K
3 'polypeptide(L)' (2UE)(DLY)K(DAR) F,I
#
# COMPACT_ATOMS: atom_id res chain seq x y z
N ASP A 7 20.14 -26.73 -33.56
CA ASP A 7 21.46 -26.19 -33.82
C ASP A 7 21.87 -25.18 -32.75
N MET A 8 20.92 -24.31 -32.39
CA MET A 8 21.09 -23.31 -31.33
C MET A 8 22.18 -22.27 -31.61
N TYR A 9 22.14 -21.17 -30.86
CA TYR A 9 23.16 -20.12 -30.96
C TYR A 9 23.23 -19.30 -29.69
N ILE A 10 24.17 -18.36 -29.63
CA ILE A 10 24.30 -17.49 -28.45
C ILE A 10 24.26 -16.01 -28.83
N GLU A 11 23.68 -15.20 -27.94
CA GLU A 11 23.67 -13.75 -28.09
C GLU A 11 23.95 -13.08 -26.75
N ARG A 12 24.73 -11.99 -26.79
CA ARG A 12 25.17 -11.34 -25.55
C ARG A 12 23.99 -10.73 -24.81
N ALA A 13 24.08 -10.74 -23.47
CA ALA A 13 23.00 -10.23 -22.63
C ALA A 13 23.51 -9.13 -21.70
N GLY A 14 24.82 -8.97 -21.65
CA GLY A 14 25.41 -7.90 -20.86
C GLY A 14 26.72 -8.26 -20.19
N ASP A 15 27.30 -7.29 -19.49
CA ASP A 15 28.54 -7.51 -18.75
C ASP A 15 28.26 -8.23 -17.44
N ILE A 16 29.18 -9.10 -17.04
CA ILE A 16 29.07 -9.77 -15.76
C ILE A 16 29.70 -8.90 -14.67
N THR A 17 28.85 -8.32 -13.83
CA THR A 17 29.32 -7.41 -12.80
C THR A 17 28.37 -7.34 -11.61
N TRP A 18 28.95 -7.06 -10.44
CA TRP A 18 28.21 -6.92 -9.20
C TRP A 18 27.63 -5.51 -9.11
N GLU A 19 26.29 -5.41 -9.09
CA GLU A 19 25.61 -4.12 -9.09
C GLU A 19 25.47 -3.55 -7.69
N LYS A 20 25.89 -2.30 -7.52
CA LYS A 20 25.94 -1.63 -6.21
C LYS A 20 24.75 -1.89 -5.29
N ASP A 21 23.62 -1.25 -5.56
CA ASP A 21 22.45 -1.39 -4.71
C ASP A 21 21.33 -2.17 -5.37
N ALA A 22 21.55 -3.47 -5.54
CA ALA A 22 20.53 -4.35 -6.11
C ALA A 22 19.51 -4.75 -5.04
N GLU A 23 18.31 -5.10 -5.49
CA GLU A 23 17.26 -5.56 -4.60
C GLU A 23 17.66 -6.86 -3.90
N VAL A 24 17.35 -6.95 -2.61
CA VAL A 24 17.64 -8.16 -1.85
C VAL A 24 16.38 -8.98 -1.67
N THR A 25 16.42 -10.25 -2.09
CA THR A 25 15.26 -11.12 -2.02
C THR A 25 15.57 -12.53 -1.52
N GLY A 26 14.56 -13.39 -1.58
CA GLY A 26 14.73 -14.81 -1.32
C GLY A 26 14.98 -15.19 0.13
N ASN A 27 14.56 -16.40 0.48
CA ASN A 27 14.88 -16.98 1.77
C ASN A 27 16.30 -17.53 1.77
N SER A 28 16.70 -18.11 2.90
CA SER A 28 17.93 -18.88 2.98
C SER A 28 17.62 -20.23 3.61
N PRO A 29 16.88 -21.09 2.88
CA PRO A 29 16.39 -22.35 3.45
C PRO A 29 17.44 -23.44 3.52
N ARG A 30 17.38 -24.25 4.56
CA ARG A 30 18.23 -25.43 4.68
C ARG A 30 17.40 -26.67 4.32
N LEU A 31 17.77 -27.33 3.23
CA LEU A 31 16.97 -28.44 2.70
C LEU A 31 17.78 -29.73 2.52
N ASP A 32 17.23 -30.83 3.04
CA ASP A 32 17.81 -32.15 2.82
C ASP A 32 17.43 -32.66 1.43
N VAL A 33 18.41 -32.72 0.53
CA VAL A 33 18.14 -33.17 -0.83
C VAL A 33 19.05 -34.33 -1.24
N ALA A 34 18.69 -34.96 -2.37
CA ALA A 34 19.49 -36.06 -2.90
C ALA A 34 19.73 -35.86 -4.39
N LEU A 35 20.96 -36.12 -4.83
CA LEU A 35 21.32 -35.99 -6.23
C LEU A 35 21.44 -37.37 -6.89
N ASP A 36 20.46 -37.71 -7.72
CA ASP A 36 20.47 -39.02 -8.38
C ASP A 36 21.49 -39.02 -9.51
N GLU A 37 21.65 -40.17 -10.16
CA GLU A 37 22.67 -40.32 -11.20
C GLU A 37 22.41 -39.44 -12.41
N SER A 38 21.15 -39.07 -12.63
CA SER A 38 20.77 -38.28 -13.79
C SER A 38 20.96 -36.77 -13.60
N GLY A 39 21.53 -36.37 -12.47
CA GLY A 39 21.80 -34.97 -12.21
C GLY A 39 20.61 -34.20 -11.69
N ASP A 40 19.58 -34.93 -11.25
CA ASP A 40 18.38 -34.30 -10.72
C ASP A 40 18.39 -34.28 -9.20
N PHE A 41 18.10 -33.13 -8.61
CA PHE A 41 17.96 -33.03 -7.17
C PHE A 41 16.55 -33.44 -6.75
N SER A 42 16.42 -33.93 -5.52
CA SER A 42 15.12 -34.33 -5.01
C SER A 42 15.06 -34.14 -3.50
N LEU A 43 13.94 -33.64 -3.01
CA LEU A 43 13.75 -33.47 -1.58
C LEU A 43 13.68 -34.82 -0.89
N VAL A 44 14.51 -35.00 0.14
CA VAL A 44 14.53 -36.25 0.91
C VAL A 44 13.22 -36.45 1.66
N GLY B 17 31.88 -16.17 -34.63
CA GLY B 17 32.77 -16.30 -33.50
C GLY B 17 33.04 -14.98 -32.80
N GLU B 18 33.05 -15.01 -31.47
CA GLU B 18 33.28 -13.81 -30.68
C GLU B 18 34.10 -14.14 -29.44
N THR B 19 34.84 -13.16 -28.93
CA THR B 19 35.76 -13.38 -27.82
C THR B 19 35.33 -12.60 -26.58
N THR B 20 34.28 -11.80 -26.72
CA THR B 20 33.83 -10.92 -25.64
C THR B 20 33.34 -11.68 -24.41
N ASP B 21 33.94 -11.37 -23.26
CA ASP B 21 33.42 -11.87 -21.99
C ASP B 21 32.04 -11.29 -21.74
N GLY B 22 31.28 -11.93 -20.86
CA GLY B 22 29.96 -11.44 -20.51
C GLY B 22 28.93 -12.54 -20.44
N VAL B 23 27.70 -12.16 -20.09
CA VAL B 23 26.62 -13.12 -19.96
C VAL B 23 25.86 -13.19 -21.30
N TYR B 24 25.48 -14.40 -21.69
CA TYR B 24 24.88 -14.62 -23.00
C TYR B 24 23.56 -15.37 -22.94
N ARG B 25 22.65 -15.03 -23.85
CA ARG B 25 21.42 -15.78 -23.99
C ARG B 25 21.62 -16.95 -24.95
N VAL B 26 21.06 -18.10 -24.61
CA VAL B 26 21.07 -19.23 -25.53
C VAL B 26 19.70 -19.38 -26.16
N MET B 27 19.59 -18.98 -27.43
CA MET B 27 18.30 -18.97 -28.12
C MET B 27 18.15 -20.17 -29.06
N THR B 28 16.96 -20.35 -29.59
CA THR B 28 16.67 -21.48 -30.47
C THR B 28 15.81 -21.02 -31.65
N ARG B 29 16.46 -20.63 -32.74
CA ARG B 29 15.76 -20.05 -33.90
C ARG B 29 14.73 -20.99 -34.54
N ARG B 30 15.11 -22.26 -34.70
CA ARG B 30 14.30 -23.20 -35.46
C ARG B 30 13.10 -23.73 -34.66
N LEU B 31 13.31 -24.04 -33.39
CA LEU B 31 12.28 -24.69 -32.59
C LEU B 31 11.41 -23.68 -31.83
N LEU B 32 10.13 -23.66 -32.18
CA LEU B 32 9.14 -22.78 -31.55
C LEU B 32 9.58 -21.32 -31.59
N GLY B 33 10.15 -20.89 -32.71
CA GLY B 33 10.63 -19.53 -32.87
C GLY B 33 11.84 -19.27 -32.00
N SER B 34 12.52 -18.15 -32.25
CA SER B 34 13.72 -17.79 -31.49
C SER B 34 13.42 -17.70 -29.99
N THR B 35 13.23 -18.85 -29.36
CA THR B 35 12.93 -18.92 -27.93
C THR B 35 14.23 -19.05 -27.14
N GLN B 36 14.16 -18.84 -25.84
CA GLN B 36 15.33 -18.93 -24.98
C GLN B 36 15.31 -20.21 -24.15
N VAL B 37 16.31 -21.08 -24.37
CA VAL B 37 16.41 -22.32 -23.60
C VAL B 37 17.24 -22.14 -22.34
N GLY B 38 18.18 -21.20 -22.38
CA GLY B 38 19.04 -20.97 -21.24
C GLY B 38 19.96 -19.77 -21.35
N VAL B 39 20.87 -19.65 -20.39
CA VAL B 39 21.79 -18.53 -20.30
C VAL B 39 23.21 -19.08 -20.15
N GLY B 40 24.23 -18.30 -20.46
CA GLY B 40 25.59 -18.77 -20.36
C GLY B 40 26.66 -17.73 -20.07
N VAL B 41 27.76 -18.18 -19.49
CA VAL B 41 28.89 -17.32 -19.17
C VAL B 41 30.04 -17.50 -20.15
N MET B 42 30.46 -16.41 -20.78
CA MET B 42 31.65 -16.41 -21.61
C MET B 42 32.80 -15.78 -20.85
N GLN B 43 33.88 -16.52 -20.70
CA GLN B 43 35.07 -16.03 -19.99
C GLN B 43 36.32 -16.77 -20.46
N GLU B 44 37.38 -16.01 -20.74
CA GLU B 44 38.65 -16.58 -21.18
C GLU B 44 38.50 -17.48 -22.40
N GLY B 45 37.65 -17.07 -23.33
CA GLY B 45 37.45 -17.81 -24.57
C GLY B 45 36.64 -19.07 -24.43
N VAL B 46 36.10 -19.31 -23.24
CA VAL B 46 35.34 -20.52 -22.96
C VAL B 46 33.91 -20.18 -22.58
N PHE B 47 32.95 -20.90 -23.16
CA PHE B 47 31.55 -20.70 -22.85
C PHE B 47 31.03 -21.75 -21.86
N HIS B 48 30.34 -21.30 -20.83
CA HIS B 48 29.83 -22.20 -19.80
C HIS B 48 28.31 -22.12 -19.70
N THR B 49 27.67 -23.28 -19.57
CA THR B 49 26.22 -23.33 -19.34
C THR B 49 25.85 -24.63 -18.62
N MET B 50 24.55 -24.84 -18.41
CA MET B 50 24.09 -26.07 -17.77
C MET B 50 23.74 -27.11 -18.83
N TRP B 51 24.03 -28.38 -18.53
CA TRP B 51 23.97 -29.44 -19.54
C TRP B 51 22.59 -29.61 -20.15
N HIS B 52 21.55 -29.55 -19.33
CA HIS B 52 20.19 -29.77 -19.79
C HIS B 52 19.72 -28.68 -20.74
N VAL B 53 20.51 -27.62 -20.86
CA VAL B 53 20.19 -26.53 -21.77
C VAL B 53 20.52 -26.89 -23.20
N THR B 54 21.76 -27.35 -23.41
CA THR B 54 22.25 -27.65 -24.76
C THR B 54 22.29 -29.14 -25.05
N LYS B 55 22.23 -29.95 -24.01
CA LYS B 55 22.40 -31.40 -24.12
C LYS B 55 23.76 -31.74 -24.70
N GLY B 56 24.74 -30.89 -24.41
CA GLY B 56 26.09 -31.09 -24.92
C GLY B 56 26.18 -30.95 -26.42
N ALA B 57 25.23 -30.24 -27.01
CA ALA B 57 25.22 -30.02 -28.45
C ALA B 57 26.06 -28.81 -28.80
N ALA B 58 26.66 -28.83 -29.98
CA ALA B 58 27.45 -27.69 -30.45
C ALA B 58 26.56 -26.48 -30.67
N LEU B 59 27.11 -25.29 -30.46
CA LEU B 59 26.33 -24.07 -30.60
C LEU B 59 26.87 -23.18 -31.71
N ARG B 60 26.10 -22.15 -32.04
CA ARG B 60 26.47 -21.23 -33.11
C ARG B 60 26.75 -19.83 -32.54
N SER B 61 27.79 -19.18 -33.07
CA SER B 61 28.11 -17.83 -32.64
C SER B 61 27.87 -16.85 -33.78
N GLY B 62 26.94 -17.23 -34.67
CA GLY B 62 26.65 -16.44 -35.84
C GLY B 62 27.58 -16.77 -36.98
N GLU B 63 28.87 -16.78 -36.70
CA GLU B 63 29.88 -17.08 -37.70
C GLU B 63 30.78 -18.24 -37.26
N GLY B 64 30.69 -18.62 -35.99
CA GLY B 64 31.53 -19.67 -35.45
C GLY B 64 30.80 -20.77 -34.71
N ARG B 65 31.00 -22.00 -35.15
CA ARG B 65 30.40 -23.16 -34.49
C ARG B 65 31.20 -23.54 -33.25
N LEU B 66 30.59 -23.36 -32.08
CA LEU B 66 31.24 -23.69 -30.82
C LEU B 66 30.94 -25.12 -30.41
N ASP B 67 31.99 -25.91 -30.19
CA ASP B 67 31.84 -27.32 -29.86
C ASP B 67 32.12 -27.58 -28.38
N PRO B 68 31.34 -28.49 -27.77
CA PRO B 68 31.53 -28.85 -26.36
C PRO B 68 32.93 -29.41 -26.10
N TYR B 69 33.53 -28.97 -25.00
CA TYR B 69 34.87 -29.40 -24.63
C TYR B 69 34.84 -30.43 -23.51
N TRP B 70 34.07 -30.12 -22.47
CA TRP B 70 33.93 -30.99 -21.32
C TRP B 70 32.47 -31.05 -20.92
N GLY B 71 32.02 -32.18 -20.39
CA GLY B 71 30.63 -32.33 -20.01
C GLY B 71 30.42 -33.26 -18.81
N ASP B 72 29.36 -33.00 -18.06
CA ASP B 72 29.02 -33.84 -16.92
C ASP B 72 27.52 -33.74 -16.66
N VAL B 73 26.81 -34.85 -16.92
CA VAL B 73 25.37 -34.90 -16.70
C VAL B 73 25.04 -34.86 -15.20
N LYS B 74 25.87 -35.50 -14.40
CA LYS B 74 25.68 -35.54 -12.95
C LYS B 74 25.81 -34.14 -12.33
N GLN B 75 26.80 -33.38 -12.80
CA GLN B 75 26.98 -32.02 -12.33
C GLN B 75 26.13 -31.04 -13.14
N ASP B 76 25.55 -31.55 -14.23
CA ASP B 76 24.72 -30.75 -15.14
C ASP B 76 25.52 -29.58 -15.70
N LEU B 77 26.77 -29.84 -16.08
CA LEU B 77 27.66 -28.80 -16.59
C LEU B 77 28.35 -29.20 -17.91
N VAL B 78 28.55 -28.21 -18.77
CA VAL B 78 29.26 -28.39 -20.04
C VAL B 78 30.01 -27.10 -20.37
N SER B 79 31.14 -27.22 -21.06
CA SER B 79 31.89 -26.05 -21.47
C SER B 79 32.26 -26.13 -22.94
N TYR B 80 32.44 -24.98 -23.58
CA TYR B 80 32.72 -24.92 -25.01
C TYR B 80 34.02 -24.19 -25.29
N CYS B 81 34.71 -24.61 -26.34
CA CYS B 81 35.96 -23.99 -26.81
C CYS B 81 37.10 -24.06 -25.79
N GLY B 82 36.90 -24.79 -24.70
CA GLY B 82 37.93 -24.92 -23.68
C GLY B 82 37.41 -25.55 -22.41
N PRO B 83 38.33 -25.85 -21.46
CA PRO B 83 37.97 -26.47 -20.19
C PRO B 83 37.14 -25.55 -19.31
N TRP B 84 36.47 -26.10 -18.30
CA TRP B 84 35.72 -25.27 -17.36
C TRP B 84 36.70 -24.39 -16.58
N LYS B 85 36.48 -23.08 -16.63
CA LYS B 85 37.44 -22.13 -16.09
C LYS B 85 36.94 -21.38 -14.86
N LEU B 86 35.70 -21.64 -14.46
CA LEU B 86 35.14 -20.99 -13.28
C LEU B 86 35.36 -21.83 -12.03
N ASP B 87 36.09 -21.29 -11.07
CA ASP B 87 36.39 -22.02 -9.84
C ASP B 87 36.14 -21.21 -8.58
N ALA B 88 35.61 -19.99 -8.74
CA ALA B 88 35.24 -19.18 -7.58
C ALA B 88 34.11 -19.86 -6.82
N ALA B 89 34.14 -19.77 -5.50
CA ALA B 89 33.16 -20.46 -4.68
C ALA B 89 32.52 -19.54 -3.65
N TRP B 90 31.29 -19.85 -3.27
CA TRP B 90 30.59 -19.14 -2.21
C TRP B 90 31.32 -19.32 -0.88
N ASP B 91 31.45 -18.23 -0.12
CA ASP B 91 32.20 -18.28 1.12
C ASP B 91 31.36 -18.75 2.30
N GLY B 92 30.13 -19.19 2.02
CA GLY B 92 29.23 -19.69 3.04
C GLY B 92 28.83 -18.62 4.04
N LEU B 93 29.10 -17.37 3.68
CA LEU B 93 28.88 -16.24 4.58
C LEU B 93 28.19 -15.08 3.87
N SER B 94 28.86 -14.56 2.85
CA SER B 94 28.41 -13.35 2.17
C SER B 94 27.11 -13.53 1.41
N GLU B 95 26.48 -12.41 1.08
CA GLU B 95 25.33 -12.42 0.18
C GLU B 95 25.81 -12.41 -1.25
N VAL B 96 25.08 -13.10 -2.13
CA VAL B 96 25.47 -13.24 -3.52
C VAL B 96 24.53 -12.46 -4.43
N GLN B 97 24.74 -12.57 -5.73
CA GLN B 97 23.86 -11.93 -6.69
C GLN B 97 23.63 -12.77 -7.93
N LEU B 98 22.38 -13.14 -8.17
CA LEU B 98 22.00 -13.79 -9.40
C LEU B 98 21.85 -12.76 -10.51
N LEU B 99 22.74 -12.81 -11.49
CA LEU B 99 22.59 -11.97 -12.67
C LEU B 99 21.56 -12.62 -13.57
N ALA B 100 20.29 -12.50 -13.19
CA ALA B 100 19.21 -13.15 -13.90
C ALA B 100 19.03 -12.61 -15.31
N VAL B 101 18.91 -13.52 -16.27
CA VAL B 101 18.61 -13.15 -17.64
C VAL B 101 17.39 -13.93 -18.14
N PRO B 102 16.19 -13.50 -17.72
CA PRO B 102 14.95 -14.19 -18.10
C PRO B 102 14.62 -14.00 -19.57
N PRO B 103 13.88 -14.95 -20.16
CA PRO B 103 13.43 -14.88 -21.56
C PRO B 103 12.70 -13.57 -21.88
N GLY B 104 13.17 -12.88 -22.90
CA GLY B 104 12.54 -11.65 -23.35
C GLY B 104 12.59 -10.51 -22.35
N GLU B 105 13.57 -10.55 -21.45
CA GLU B 105 13.72 -9.50 -20.45
C GLU B 105 15.18 -9.08 -20.30
N ARG B 106 15.38 -7.82 -19.92
CA ARG B 106 16.73 -7.29 -19.74
C ARG B 106 17.39 -7.89 -18.50
N ALA B 107 18.70 -8.12 -18.59
CA ALA B 107 19.45 -8.70 -17.48
C ALA B 107 19.38 -7.82 -16.23
N LYS B 108 19.29 -8.47 -15.08
CA LYS B 108 19.23 -7.74 -13.81
C LYS B 108 19.91 -8.53 -12.69
N ASN B 109 20.55 -7.81 -11.78
CA ASN B 109 21.18 -8.43 -10.63
C ASN B 109 20.22 -8.55 -9.46
N ILE B 110 20.21 -9.72 -8.81
CA ILE B 110 19.32 -9.97 -7.69
C ILE B 110 20.11 -10.45 -6.47
N GLN B 111 20.23 -9.59 -5.47
CA GLN B 111 21.01 -9.91 -4.27
C GLN B 111 20.21 -10.81 -3.34
N THR B 112 20.89 -11.73 -2.69
CA THR B 112 20.24 -12.67 -1.79
C THR B 112 21.27 -13.39 -0.93
N LEU B 113 20.82 -13.97 0.18
CA LEU B 113 21.68 -14.84 0.98
C LEU B 113 21.30 -16.29 0.74
N PRO B 114 22.24 -17.06 0.17
CA PRO B 114 22.01 -18.46 -0.19
C PRO B 114 21.57 -19.34 0.97
N GLY B 115 20.70 -20.30 0.68
CA GLY B 115 20.35 -21.34 1.63
C GLY B 115 21.36 -22.46 1.50
N ILE B 116 20.97 -23.67 1.86
CA ILE B 116 21.88 -24.80 1.83
C ILE B 116 21.21 -26.10 1.36
N PHE B 117 21.75 -26.69 0.29
CA PHE B 117 21.38 -28.03 -0.12
C PHE B 117 22.20 -29.06 0.67
N LYS B 118 21.54 -29.83 1.53
CA LYS B 118 22.24 -30.80 2.36
C LYS B 118 22.18 -32.20 1.77
N THR B 119 23.32 -32.67 1.26
CA THR B 119 23.40 -34.00 0.69
C THR B 119 24.33 -34.89 1.51
N LYS B 120 24.45 -36.15 1.10
CA LYS B 120 25.30 -37.10 1.80
C LYS B 120 26.78 -36.77 1.60
N ASP B 121 27.08 -36.11 0.49
CA ASP B 121 28.45 -35.76 0.16
C ASP B 121 28.79 -34.32 0.54
N GLY B 122 28.10 -33.82 1.57
CA GLY B 122 28.36 -32.48 2.05
C GLY B 122 27.26 -31.49 1.68
N ASP B 123 27.54 -30.21 1.88
CA ASP B 123 26.56 -29.17 1.61
C ASP B 123 27.02 -28.22 0.50
N ILE B 124 26.07 -27.74 -0.29
CA ILE B 124 26.35 -26.74 -1.31
C ILE B 124 25.34 -25.61 -1.21
N GLY B 125 25.72 -24.43 -1.65
CA GLY B 125 24.87 -23.25 -1.58
C GLY B 125 23.65 -23.38 -2.47
N ALA B 126 22.53 -22.82 -2.02
CA ALA B 126 21.29 -22.83 -2.78
C ALA B 126 20.55 -21.50 -2.67
N VAL B 127 20.10 -20.98 -3.80
CA VAL B 127 19.42 -19.69 -3.82
C VAL B 127 17.91 -19.83 -4.04
N ALA B 128 17.13 -19.17 -3.20
CA ALA B 128 15.68 -19.22 -3.27
C ALA B 128 15.15 -18.13 -4.20
N LEU B 129 15.54 -18.20 -5.46
CA LEU B 129 15.10 -17.24 -6.46
C LEU B 129 14.36 -17.95 -7.59
N ASP B 130 13.11 -17.53 -7.82
CA ASP B 130 12.24 -18.22 -8.77
C ASP B 130 12.16 -17.50 -10.11
N TYR B 131 12.78 -18.07 -11.13
CA TYR B 131 12.76 -17.50 -12.46
C TYR B 131 12.36 -18.54 -13.50
N PRO B 132 11.69 -18.11 -14.58
CA PRO B 132 11.14 -19.02 -15.57
C PRO B 132 12.18 -19.90 -16.25
N ALA B 133 11.73 -21.02 -16.82
CA ALA B 133 12.61 -21.91 -17.57
C ALA B 133 13.19 -21.17 -18.77
N GLY B 134 14.50 -21.26 -18.94
CA GLY B 134 15.20 -20.50 -19.96
C GLY B 134 16.16 -19.54 -19.31
N THR B 135 16.11 -19.51 -17.98
CA THR B 135 17.00 -18.67 -17.19
C THR B 135 18.21 -19.49 -16.74
N SER B 136 18.14 -20.81 -16.96
CA SER B 136 19.19 -21.72 -16.55
C SER B 136 20.55 -21.36 -17.16
N GLY B 137 21.57 -21.29 -16.32
CA GLY B 137 22.89 -20.92 -16.77
C GLY B 137 23.21 -19.49 -16.39
N SER B 138 22.23 -18.80 -15.82
CA SER B 138 22.46 -17.45 -15.31
C SER B 138 23.48 -17.49 -14.19
N PRO B 139 24.53 -16.66 -14.29
CA PRO B 139 25.64 -16.64 -13.34
C PRO B 139 25.26 -16.12 -11.96
N ILE B 140 25.89 -16.66 -10.93
CA ILE B 140 25.73 -16.17 -9.57
C ILE B 140 27.06 -15.58 -9.11
N LEU B 141 27.03 -14.35 -8.60
CA LEU B 141 28.24 -13.57 -8.37
C LEU B 141 28.55 -13.30 -6.90
N ASP B 142 29.84 -13.18 -6.59
CA ASP B 142 30.28 -12.69 -5.28
C ASP B 142 30.56 -11.20 -5.42
N LYS B 143 30.89 -10.54 -4.31
CA LYS B 143 31.01 -9.08 -4.32
C LYS B 143 32.25 -8.58 -5.08
N CYS B 144 32.98 -9.48 -5.70
CA CYS B 144 34.10 -9.10 -6.55
C CYS B 144 33.74 -9.23 -8.03
N GLY B 145 32.54 -9.74 -8.29
CA GLY B 145 32.05 -9.91 -9.65
C GLY B 145 32.44 -11.27 -10.22
N ARG B 146 32.92 -12.16 -9.36
CA ARG B 146 33.35 -13.48 -9.78
C ARG B 146 32.18 -14.47 -9.78
N VAL B 147 32.08 -15.26 -10.83
CA VAL B 147 31.00 -16.24 -10.94
C VAL B 147 31.27 -17.45 -10.05
N ILE B 148 30.42 -17.64 -9.05
CA ILE B 148 30.60 -18.72 -8.08
C ILE B 148 29.69 -19.91 -8.38
N GLY B 149 28.97 -19.83 -9.50
CA GLY B 149 28.11 -20.92 -9.91
C GLY B 149 27.06 -20.51 -10.93
N LEU B 150 26.29 -21.48 -11.41
CA LEU B 150 25.22 -21.21 -12.37
C LEU B 150 23.87 -21.56 -11.79
N TYR B 151 22.84 -20.86 -12.26
CA TYR B 151 21.47 -21.03 -11.80
C TYR B 151 20.69 -21.93 -12.75
N GLY B 152 19.80 -22.76 -12.22
CA GLY B 152 18.95 -23.57 -13.06
C GLY B 152 18.76 -25.03 -12.69
N ASN B 153 19.49 -25.50 -11.70
CA ASN B 153 19.30 -26.87 -11.21
C ASN B 153 18.99 -26.86 -9.72
N GLY B 154 17.82 -27.35 -9.36
CA GLY B 154 17.40 -27.33 -7.97
C GLY B 154 16.13 -28.10 -7.70
N VAL B 155 15.30 -27.56 -6.81
CA VAL B 155 14.07 -28.24 -6.40
C VAL B 155 12.88 -27.29 -6.28
N VAL B 156 11.69 -27.86 -6.23
CA VAL B 156 10.47 -27.09 -5.96
C VAL B 156 9.88 -27.51 -4.62
N ILE B 157 9.69 -26.54 -3.73
CA ILE B 157 9.17 -26.84 -2.39
C ILE B 157 7.64 -26.84 -2.40
N LYS B 158 7.04 -27.04 -1.23
CA LYS B 158 5.60 -27.16 -1.11
C LYS B 158 4.87 -25.91 -1.60
N ASN B 159 5.53 -24.76 -1.53
CA ASN B 159 4.97 -23.49 -1.98
C ASN B 159 4.71 -23.46 -3.48
N GLY B 160 5.43 -24.29 -4.22
CA GLY B 160 5.45 -24.19 -5.66
C GLY B 160 6.60 -23.28 -6.02
N SER B 161 7.26 -22.75 -4.99
CA SER B 161 8.40 -21.87 -5.16
C SER B 161 9.62 -22.68 -5.59
N TYR B 162 10.68 -21.97 -5.97
CA TYR B 162 11.85 -22.64 -6.53
C TYR B 162 13.13 -22.31 -5.78
N VAL B 163 13.92 -23.35 -5.53
CA VAL B 163 15.24 -23.20 -4.93
C VAL B 163 16.29 -23.86 -5.80
N SER B 164 17.23 -23.07 -6.30
CA SER B 164 18.29 -23.60 -7.17
C SER B 164 19.60 -23.75 -6.43
N ALA B 165 20.36 -24.78 -6.77
CA ALA B 165 21.70 -24.95 -6.23
C ALA B 165 22.62 -23.93 -6.88
N ILE B 166 23.70 -23.58 -6.19
CA ILE B 166 24.76 -22.79 -6.80
C ILE B 166 25.75 -23.77 -7.45
N THR B 167 25.44 -24.14 -8.68
CA THR B 167 26.19 -25.20 -9.36
C THR B 167 27.52 -24.70 -9.93
N GLN B 168 28.62 -25.22 -9.38
CA GLN B 168 29.95 -24.80 -9.80
C GLN B 168 30.82 -26.00 -10.16
N GLY B 169 31.60 -25.88 -11.23
CA GLY B 169 32.48 -26.94 -11.67
C GLY B 169 33.91 -26.77 -11.19
N LYS B 170 34.77 -27.73 -11.51
CA LYS B 170 36.16 -27.70 -11.09
C LYS B 170 37.06 -27.13 -12.18
N ARG B 171 38.17 -26.52 -11.76
CA ARG B 171 39.13 -25.95 -12.69
C ARG B 171 40.53 -26.50 -12.43
N ASP C 7 0.80 5.12 -19.13
CA ASP C 7 -0.15 4.05 -18.94
C ASP C 7 0.48 2.66 -19.03
N MET C 8 0.00 1.75 -18.19
CA MET C 8 0.37 0.34 -18.28
C MET C 8 -0.45 -0.30 -19.39
N TYR C 9 -0.06 -1.50 -19.81
CA TYR C 9 -0.79 -2.20 -20.86
C TYR C 9 -0.93 -3.69 -20.59
N ILE C 10 -1.91 -4.31 -21.25
CA ILE C 10 -2.21 -5.72 -21.04
C ILE C 10 -2.13 -6.55 -22.31
N GLU C 11 -2.04 -7.87 -22.16
CA GLU C 11 -2.00 -8.79 -23.29
C GLU C 11 -2.49 -10.18 -22.89
N ARG C 12 -3.29 -10.79 -23.76
CA ARG C 12 -3.92 -12.08 -23.46
C ARG C 12 -2.90 -13.20 -23.26
N ALA C 13 -3.18 -14.07 -22.28
CA ALA C 13 -2.24 -15.13 -21.93
C ALA C 13 -2.90 -16.50 -21.94
N GLY C 14 -4.20 -16.55 -22.19
CA GLY C 14 -4.88 -17.83 -22.33
C GLY C 14 -6.35 -17.82 -21.95
N ASP C 15 -6.94 -19.01 -21.90
CA ASP C 15 -8.33 -19.16 -21.51
C ASP C 15 -8.48 -19.38 -20.01
N ILE C 16 -9.59 -18.91 -19.46
CA ILE C 16 -9.92 -19.20 -18.07
C ILE C 16 -10.53 -20.60 -17.99
N THR C 17 -9.68 -21.58 -17.73
CA THR C 17 -10.11 -22.98 -17.78
C THR C 17 -9.40 -23.87 -16.78
N TRP C 18 -10.16 -24.77 -16.16
CA TRP C 18 -9.63 -25.75 -15.24
C TRP C 18 -8.78 -26.77 -16.00
N GLU C 19 -7.59 -27.06 -15.48
CA GLU C 19 -6.69 -28.01 -16.13
C GLU C 19 -6.66 -29.35 -15.40
N LYS C 20 -7.08 -30.41 -16.09
CA LYS C 20 -7.20 -31.74 -15.50
C LYS C 20 -5.86 -32.26 -14.96
N ASP C 21 -4.80 -32.10 -15.76
CA ASP C 21 -3.48 -32.58 -15.36
C ASP C 21 -2.61 -31.44 -14.85
N ALA C 22 -3.08 -30.75 -13.81
CA ALA C 22 -2.32 -29.68 -13.20
C ALA C 22 -1.49 -30.22 -12.03
N GLU C 23 -0.34 -29.61 -11.79
CA GLU C 23 0.48 -29.95 -10.64
C GLU C 23 -0.25 -29.58 -9.35
N VAL C 24 -0.21 -30.47 -8.36
CA VAL C 24 -0.90 -30.24 -7.10
C VAL C 24 0.08 -30.11 -5.93
N THR C 25 0.14 -28.93 -5.34
CA THR C 25 1.01 -28.69 -4.18
C THR C 25 0.31 -27.82 -3.13
N GLY C 26 1.09 -27.32 -2.18
CA GLY C 26 0.57 -26.40 -1.18
C GLY C 26 -0.17 -27.08 -0.03
N ASN C 27 -0.10 -26.47 1.14
CA ASN C 27 -0.82 -26.95 2.31
C ASN C 27 -2.13 -26.21 2.51
N SER C 28 -2.86 -26.55 3.57
CA SER C 28 -4.13 -25.89 3.88
C SER C 28 -4.13 -25.35 5.30
N PRO C 29 -3.37 -24.28 5.56
CA PRO C 29 -3.25 -23.73 6.91
C PRO C 29 -4.50 -22.96 7.36
N ARG C 30 -4.75 -22.95 8.66
CA ARG C 30 -5.86 -22.20 9.22
C ARG C 30 -5.30 -21.03 10.03
N LEU C 31 -5.40 -19.83 9.47
CA LEU C 31 -4.77 -18.65 10.06
C LEU C 31 -5.80 -17.63 10.56
N ASP C 32 -5.46 -16.95 11.65
CA ASP C 32 -6.28 -15.87 12.18
C ASP C 32 -5.62 -14.54 11.87
N VAL C 33 -6.22 -13.77 10.96
CA VAL C 33 -5.63 -12.53 10.50
C VAL C 33 -6.53 -11.32 10.75
N ALA C 34 -6.02 -10.14 10.43
CA ALA C 34 -6.79 -8.90 10.53
C ALA C 34 -6.53 -8.04 9.31
N LEU C 35 -7.57 -7.42 8.79
CA LEU C 35 -7.46 -6.57 7.61
C LEU C 35 -7.71 -5.11 7.96
N ASP C 36 -6.71 -4.26 7.79
CA ASP C 36 -6.85 -2.85 8.10
C ASP C 36 -7.45 -2.09 6.92
N GLU C 37 -7.29 -0.77 6.95
CA GLU C 37 -7.86 0.10 5.94
C GLU C 37 -7.05 0.08 4.64
N SER C 38 -5.74 -0.12 4.76
CA SER C 38 -4.86 -0.08 3.61
C SER C 38 -4.89 -1.37 2.80
N GLY C 39 -5.77 -2.29 3.19
CA GLY C 39 -5.89 -3.56 2.49
C GLY C 39 -4.77 -4.52 2.83
N ASP C 40 -4.16 -4.32 4.00
CA ASP C 40 -3.06 -5.18 4.44
C ASP C 40 -3.52 -6.18 5.49
N PHE C 41 -3.22 -7.45 5.25
CA PHE C 41 -3.48 -8.49 6.23
C PHE C 41 -2.39 -8.53 7.29
N SER C 42 -2.78 -8.66 8.55
CA SER C 42 -1.81 -8.80 9.63
C SER C 42 -1.93 -10.18 10.26
N LEU C 43 -1.07 -10.47 11.24
CA LEU C 43 -1.00 -11.82 11.78
C LEU C 43 -1.45 -11.91 13.24
N VAL C 44 -1.61 -10.76 13.89
CA VAL C 44 -1.97 -10.73 15.30
C VAL C 44 -3.32 -11.42 15.56
N GLY D 17 -9.34 -2.27 -28.65
CA GLY D 17 -8.97 -2.99 -27.44
C GLY D 17 -9.45 -4.44 -27.45
N GLU D 18 -8.59 -5.35 -27.01
CA GLU D 18 -8.95 -6.76 -26.92
C GLU D 18 -9.96 -6.98 -25.80
N THR D 19 -11.14 -7.46 -26.17
CA THR D 19 -12.24 -7.61 -25.23
C THR D 19 -12.57 -9.07 -24.93
N THR D 20 -11.95 -9.98 -25.70
CA THR D 20 -12.22 -11.41 -25.56
C THR D 20 -11.84 -11.93 -24.17
N ASP D 21 -12.68 -12.82 -23.64
CA ASP D 21 -12.48 -13.42 -22.32
C ASP D 21 -11.12 -14.11 -22.21
N GLY D 22 -10.65 -14.27 -20.98
CA GLY D 22 -9.40 -14.96 -20.76
C GLY D 22 -8.51 -14.26 -19.75
N VAL D 23 -7.34 -14.85 -19.48
CA VAL D 23 -6.42 -14.30 -18.51
C VAL D 23 -5.34 -13.48 -19.23
N TYR D 24 -5.01 -12.33 -18.66
CA TYR D 24 -4.10 -11.39 -19.30
C TYR D 24 -2.89 -11.06 -18.44
N ARG D 25 -1.77 -10.77 -19.08
CA ARG D 25 -0.61 -10.22 -18.38
C ARG D 25 -0.80 -8.72 -18.28
N VAL D 26 -0.33 -8.13 -17.18
CA VAL D 26 -0.32 -6.68 -17.04
C VAL D 26 1.11 -6.17 -17.09
N MET D 27 1.42 -5.39 -18.12
CA MET D 27 2.79 -4.96 -18.38
C MET D 27 2.97 -3.45 -18.28
N THR D 28 4.21 -3.00 -18.34
CA THR D 28 4.51 -1.57 -18.35
C THR D 28 5.81 -1.29 -19.10
N ARG D 29 5.77 -0.33 -20.02
CA ARG D 29 6.94 0.09 -20.77
C ARG D 29 7.66 1.24 -20.07
N ARG D 30 7.62 1.22 -18.74
CA ARG D 30 8.21 2.28 -17.93
C ARG D 30 9.72 2.42 -18.18
N LEU D 31 10.49 1.51 -17.60
CA LEU D 31 11.93 1.51 -17.80
C LEU D 31 12.27 1.04 -19.20
N LEU D 32 13.56 0.89 -19.49
CA LEU D 32 13.99 0.40 -20.79
C LEU D 32 13.52 -1.03 -21.02
N GLY D 33 12.51 -1.19 -21.86
CA GLY D 33 11.92 -2.49 -22.10
C GLY D 33 10.54 -2.62 -21.48
N SER D 34 10.24 -3.79 -20.93
CA SER D 34 8.94 -4.02 -20.31
C SER D 34 9.03 -4.95 -19.10
N THR D 35 8.15 -4.70 -18.13
CA THR D 35 8.09 -5.48 -16.90
C THR D 35 6.66 -5.94 -16.65
N GLN D 36 6.50 -7.20 -16.26
CA GLN D 36 5.18 -7.70 -15.87
C GLN D 36 4.91 -7.39 -14.40
N VAL D 37 3.95 -6.52 -14.15
CA VAL D 37 3.65 -6.09 -12.80
C VAL D 37 2.52 -6.91 -12.18
N GLY D 38 1.72 -7.55 -13.02
CA GLY D 38 0.60 -8.32 -12.53
C GLY D 38 -0.17 -9.09 -13.58
N VAL D 39 -1.27 -9.70 -13.15
CA VAL D 39 -2.12 -10.52 -14.01
C VAL D 39 -3.57 -10.03 -13.85
N GLY D 40 -4.43 -10.36 -14.80
CA GLY D 40 -5.82 -9.96 -14.70
C GLY D 40 -6.79 -10.85 -15.45
N VAL D 41 -8.08 -10.66 -15.18
CA VAL D 41 -9.14 -11.47 -15.75
C VAL D 41 -10.07 -10.65 -16.63
N MET D 42 -10.31 -11.12 -17.85
CA MET D 42 -11.31 -10.51 -18.72
C MET D 42 -12.57 -11.37 -18.76
N GLN D 43 -13.69 -10.79 -18.36
CA GLN D 43 -14.96 -11.50 -18.38
C GLN D 43 -16.13 -10.52 -18.53
N GLU D 44 -16.99 -10.81 -19.51
CA GLU D 44 -18.14 -9.96 -19.83
C GLU D 44 -17.72 -8.53 -20.16
N GLY D 45 -16.64 -8.40 -20.93
CA GLY D 45 -16.17 -7.10 -21.36
C GLY D 45 -15.64 -6.24 -20.22
N VAL D 46 -15.31 -6.88 -19.11
CA VAL D 46 -14.80 -6.17 -17.94
C VAL D 46 -13.50 -6.80 -17.46
N PHE D 47 -12.49 -5.98 -17.22
CA PHE D 47 -11.20 -6.48 -16.77
C PHE D 47 -11.05 -6.36 -15.25
N HIS D 48 -10.67 -7.46 -14.61
CA HIS D 48 -10.56 -7.51 -13.16
C HIS D 48 -9.12 -7.77 -12.74
N THR D 49 -8.62 -7.01 -11.76
CA THR D 49 -7.32 -7.27 -11.19
C THR D 49 -7.24 -6.74 -9.76
N MET D 50 -6.04 -6.68 -9.21
CA MET D 50 -5.86 -6.19 -7.86
C MET D 50 -5.37 -4.74 -7.89
N TRP D 51 -5.81 -3.94 -6.93
CA TRP D 51 -5.55 -2.51 -6.91
C TRP D 51 -4.06 -2.20 -6.85
N HIS D 52 -3.33 -2.90 -5.99
CA HIS D 52 -1.91 -2.63 -5.78
C HIS D 52 -1.09 -2.87 -7.04
N VAL D 53 -1.66 -3.60 -7.99
CA VAL D 53 -1.00 -3.81 -9.28
C VAL D 53 -1.05 -2.54 -10.13
N THR D 54 -2.26 -2.02 -10.34
CA THR D 54 -2.46 -0.90 -11.25
C THR D 54 -2.55 0.45 -10.54
N LYS D 55 -2.91 0.43 -9.26
CA LYS D 55 -3.15 1.63 -8.48
C LYS D 55 -4.26 2.49 -9.09
N GLY D 56 -5.22 1.83 -9.73
CA GLY D 56 -6.35 2.52 -10.32
C GLY D 56 -5.99 3.35 -11.53
N ALA D 57 -4.80 3.11 -12.08
CA ALA D 57 -4.37 3.81 -13.28
C ALA D 57 -4.99 3.19 -14.52
N ALA D 58 -5.29 4.02 -15.51
CA ALA D 58 -5.85 3.54 -16.77
C ALA D 58 -4.87 2.58 -17.44
N LEU D 59 -5.39 1.68 -18.26
CA LEU D 59 -4.55 0.71 -18.94
C LEU D 59 -4.62 0.89 -20.45
N ARG D 60 -3.68 0.28 -21.15
CA ARG D 60 -3.70 0.29 -22.61
C ARG D 60 -3.92 -1.13 -23.15
N SER D 61 -4.80 -1.24 -24.13
CA SER D 61 -5.07 -2.53 -24.76
C SER D 61 -4.85 -2.40 -26.26
N GLY D 62 -3.63 -2.08 -26.65
CA GLY D 62 -3.32 -1.78 -28.04
C GLY D 62 -3.64 -0.33 -28.32
N GLU D 63 -4.60 -0.08 -29.20
CA GLU D 63 -5.10 1.26 -29.44
C GLU D 63 -6.36 1.49 -28.62
N GLY D 64 -6.62 0.56 -27.70
CA GLY D 64 -7.79 0.63 -26.84
C GLY D 64 -7.52 1.37 -25.54
N ARG D 65 -8.56 1.97 -25.00
CA ARG D 65 -8.43 2.76 -23.78
C ARG D 65 -9.26 2.15 -22.65
N LEU D 66 -8.56 1.60 -21.65
CA LEU D 66 -9.23 0.98 -20.51
C LEU D 66 -9.11 1.85 -19.27
N ASP D 67 -10.22 2.46 -18.89
CA ASP D 67 -10.24 3.33 -17.72
C ASP D 67 -10.92 2.64 -16.55
N PRO D 68 -10.43 2.90 -15.33
CA PRO D 68 -10.99 2.27 -14.13
C PRO D 68 -12.47 2.62 -13.95
N TYR D 69 -13.26 1.63 -13.55
CA TYR D 69 -14.69 1.81 -13.36
C TYR D 69 -15.03 1.76 -11.88
N TRP D 70 -14.46 0.78 -11.19
CA TRP D 70 -14.66 0.60 -9.76
C TRP D 70 -13.35 0.17 -9.12
N GLY D 71 -13.11 0.63 -7.90
CA GLY D 71 -11.91 0.26 -7.18
C GLY D 71 -12.08 0.35 -5.67
N ASP D 72 -11.30 -0.44 -4.94
CA ASP D 72 -11.33 -0.41 -3.49
C ASP D 72 -9.98 -0.87 -2.93
N VAL D 73 -9.33 0.00 -2.18
CA VAL D 73 -8.01 -0.28 -1.65
C VAL D 73 -8.03 -1.37 -0.57
N LYS D 74 -9.04 -1.33 0.29
CA LYS D 74 -9.14 -2.31 1.36
C LYS D 74 -9.36 -3.72 0.82
N GLN D 75 -10.16 -3.83 -0.24
CA GLN D 75 -10.37 -5.11 -0.90
C GLN D 75 -9.23 -5.39 -1.87
N ASP D 76 -8.45 -4.35 -2.14
CA ASP D 76 -7.34 -4.42 -3.08
C ASP D 76 -7.81 -4.96 -4.43
N LEU D 77 -8.89 -4.38 -4.94
CA LEU D 77 -9.43 -4.79 -6.23
C LEU D 77 -9.73 -3.58 -7.10
N VAL D 78 -9.93 -3.81 -8.39
CA VAL D 78 -10.26 -2.75 -9.33
C VAL D 78 -10.78 -3.37 -10.63
N SER D 79 -11.83 -2.78 -11.19
CA SER D 79 -12.36 -3.24 -12.47
C SER D 79 -12.31 -2.11 -13.50
N TYR D 80 -12.26 -2.48 -14.77
CA TYR D 80 -12.21 -1.51 -15.85
C TYR D 80 -13.37 -1.73 -16.82
N CYS D 81 -13.81 -0.65 -17.45
CA CYS D 81 -14.87 -0.68 -18.47
C CYS D 81 -16.25 -1.08 -17.95
N GLY D 82 -16.31 -1.60 -16.73
CA GLY D 82 -17.58 -2.00 -16.15
C GLY D 82 -17.44 -2.44 -14.70
N PRO D 83 -18.58 -2.65 -14.02
CA PRO D 83 -18.59 -3.07 -12.61
C PRO D 83 -17.98 -4.46 -12.41
N TRP D 84 -17.77 -4.84 -11.16
CA TRP D 84 -17.20 -6.14 -10.84
C TRP D 84 -18.16 -7.27 -11.23
N LYS D 85 -17.66 -8.26 -11.98
CA LYS D 85 -18.50 -9.29 -12.55
C LYS D 85 -18.32 -10.65 -11.88
N LEU D 86 -17.13 -10.90 -11.33
CA LEU D 86 -16.80 -12.17 -10.72
C LEU D 86 -17.60 -12.40 -9.44
N ASP D 87 -18.20 -13.58 -9.28
CA ASP D 87 -19.09 -13.81 -8.15
C ASP D 87 -19.03 -15.23 -7.56
N ALA D 88 -18.29 -16.12 -8.20
CA ALA D 88 -18.14 -17.48 -7.69
C ALA D 88 -17.34 -17.44 -6.37
N ALA D 89 -17.40 -18.53 -5.62
CA ALA D 89 -16.69 -18.61 -4.34
C ALA D 89 -16.36 -20.05 -3.98
N TRP D 90 -15.29 -20.23 -3.21
CA TRP D 90 -14.85 -21.56 -2.80
C TRP D 90 -15.91 -22.25 -1.96
N ASP D 91 -16.18 -23.51 -2.28
CA ASP D 91 -17.22 -24.27 -1.60
C ASP D 91 -16.79 -24.69 -0.20
N GLY D 92 -15.53 -24.41 0.14
CA GLY D 92 -15.02 -24.70 1.47
C GLY D 92 -14.60 -26.14 1.65
N LEU D 93 -14.70 -26.94 0.59
CA LEU D 93 -14.44 -28.37 0.68
C LEU D 93 -13.49 -28.85 -0.42
N SER D 94 -13.71 -28.38 -1.64
CA SER D 94 -13.01 -28.91 -2.81
C SER D 94 -11.64 -28.28 -3.04
N GLU D 95 -10.86 -28.90 -3.92
CA GLU D 95 -9.59 -28.33 -4.35
C GLU D 95 -9.82 -27.33 -5.47
N VAL D 96 -8.99 -26.30 -5.50
CA VAL D 96 -9.08 -25.26 -6.51
C VAL D 96 -7.81 -25.22 -7.34
N GLN D 97 -7.79 -24.36 -8.36
CA GLN D 97 -6.61 -24.21 -9.19
C GLN D 97 -6.20 -22.75 -9.33
N LEU D 98 -4.93 -22.48 -9.12
CA LEU D 98 -4.36 -21.17 -9.38
C LEU D 98 -3.90 -21.10 -10.83
N LEU D 99 -4.56 -20.28 -11.63
CA LEU D 99 -4.14 -20.07 -13.00
C LEU D 99 -3.06 -19.00 -13.04
N ALA D 100 -1.86 -19.39 -12.65
CA ALA D 100 -0.73 -18.47 -12.60
C ALA D 100 -0.21 -18.18 -14.00
N VAL D 101 0.18 -16.93 -14.22
CA VAL D 101 0.85 -16.55 -15.47
C VAL D 101 2.11 -15.75 -15.13
N PRO D 102 3.18 -16.46 -14.73
CA PRO D 102 4.45 -15.82 -14.37
C PRO D 102 5.08 -15.14 -15.58
N PRO D 103 5.92 -14.11 -15.34
CA PRO D 103 6.63 -13.43 -16.43
C PRO D 103 7.45 -14.41 -17.25
N GLY D 104 7.37 -14.31 -18.58
CA GLY D 104 8.06 -15.23 -19.45
C GLY D 104 7.18 -16.40 -19.86
N GLU D 105 7.14 -17.44 -19.04
CA GLU D 105 6.33 -18.62 -19.29
C GLU D 105 4.84 -18.29 -19.40
N ARG D 106 4.08 -19.14 -20.05
CA ARG D 106 2.65 -18.90 -20.23
C ARG D 106 1.84 -19.56 -19.13
N ALA D 107 0.52 -19.52 -19.29
CA ALA D 107 -0.42 -19.95 -18.26
C ALA D 107 -0.22 -21.40 -17.83
N LYS D 108 -0.14 -21.60 -16.51
CA LYS D 108 -0.01 -22.93 -15.95
C LYS D 108 -0.87 -23.05 -14.70
N ASN D 109 -1.86 -23.93 -14.74
CA ASN D 109 -2.74 -24.14 -13.60
C ASN D 109 -2.03 -24.88 -12.47
N ILE D 110 -2.16 -24.35 -11.26
CA ILE D 110 -1.61 -25.01 -10.08
C ILE D 110 -2.74 -25.39 -9.15
N GLN D 111 -2.95 -26.68 -8.96
CA GLN D 111 -4.06 -27.17 -8.15
C GLN D 111 -3.66 -27.24 -6.67
N THR D 112 -4.59 -26.91 -5.79
CA THR D 112 -4.33 -26.95 -4.36
C THR D 112 -5.63 -27.03 -3.58
N LEU D 113 -5.52 -27.42 -2.31
CA LEU D 113 -6.65 -27.37 -1.40
C LEU D 113 -6.51 -26.16 -0.50
N PRO D 114 -7.44 -25.19 -0.65
CA PRO D 114 -7.33 -23.89 0.03
C PRO D 114 -7.30 -23.99 1.55
N GLY D 115 -6.50 -23.11 2.17
CA GLY D 115 -6.55 -22.93 3.60
C GLY D 115 -7.62 -21.91 3.92
N ILE D 116 -7.63 -21.41 5.14
CA ILE D 116 -8.65 -20.44 5.53
C ILE D 116 -8.05 -19.25 6.29
N PHE D 117 -8.43 -18.04 5.88
CA PHE D 117 -8.14 -16.84 6.65
C PHE D 117 -9.30 -16.57 7.60
N LYS D 118 -9.01 -16.51 8.90
CA LYS D 118 -10.05 -16.26 9.89
C LYS D 118 -10.01 -14.82 10.39
N THR D 119 -11.04 -14.05 10.04
CA THR D 119 -11.14 -12.66 10.48
C THR D 119 -12.33 -12.45 11.40
N LYS D 120 -12.56 -11.21 11.79
CA LYS D 120 -13.72 -10.86 12.63
C LYS D 120 -14.96 -10.70 11.77
N ASP D 121 -14.76 -10.37 10.50
CA ASP D 121 -15.86 -10.18 9.57
C ASP D 121 -16.22 -11.49 8.87
N GLY D 122 -15.58 -12.57 9.30
CA GLY D 122 -15.84 -13.88 8.73
C GLY D 122 -14.59 -14.56 8.20
N ASP D 123 -14.77 -15.72 7.58
CA ASP D 123 -13.67 -16.49 7.03
C ASP D 123 -13.60 -16.39 5.51
N ILE D 124 -12.39 -16.29 4.97
CA ILE D 124 -12.21 -16.32 3.53
C ILE D 124 -11.17 -17.36 3.14
N GLY D 125 -11.20 -17.77 1.88
CA GLY D 125 -10.28 -18.78 1.38
C GLY D 125 -8.85 -18.28 1.29
N ALA D 126 -7.90 -19.21 1.33
CA ALA D 126 -6.49 -18.86 1.23
C ALA D 126 -5.70 -20.00 0.62
N VAL D 127 -4.74 -19.66 -0.23
CA VAL D 127 -3.89 -20.67 -0.86
C VAL D 127 -2.44 -20.50 -0.43
N ALA D 128 -1.79 -21.61 -0.07
CA ALA D 128 -0.41 -21.57 0.36
C ALA D 128 0.54 -21.78 -0.81
N LEU D 129 0.35 -20.96 -1.85
CA LEU D 129 1.20 -21.01 -3.04
C LEU D 129 2.01 -19.72 -3.16
N ASP D 130 3.33 -19.87 -3.27
CA ASP D 130 4.23 -18.72 -3.27
C ASP D 130 4.87 -18.54 -4.65
N TYR D 131 4.21 -17.79 -5.52
CA TYR D 131 4.67 -17.61 -6.89
C TYR D 131 5.28 -16.23 -7.10
N PRO D 132 6.27 -16.13 -8.01
CA PRO D 132 7.05 -14.90 -8.19
C PRO D 132 6.20 -13.66 -8.41
N ALA D 133 6.72 -12.50 -8.05
CA ALA D 133 6.00 -11.24 -8.22
C ALA D 133 5.63 -11.04 -9.69
N GLY D 134 4.51 -10.39 -9.92
CA GLY D 134 3.98 -10.23 -11.26
C GLY D 134 2.91 -11.27 -11.51
N THR D 135 2.75 -12.19 -10.56
CA THR D 135 1.70 -13.21 -10.63
C THR D 135 0.42 -12.68 -10.00
N SER D 136 0.51 -11.51 -9.37
CA SER D 136 -0.64 -10.92 -8.68
C SER D 136 -1.79 -10.64 -9.64
N GLY D 137 -2.99 -11.05 -9.25
CA GLY D 137 -4.16 -10.88 -10.09
C GLY D 137 -4.51 -12.16 -10.82
N SER D 138 -3.65 -13.17 -10.71
CA SER D 138 -3.92 -14.47 -11.31
C SER D 138 -5.17 -15.09 -10.72
N PRO D 139 -6.09 -15.53 -11.58
CA PRO D 139 -7.37 -16.09 -11.14
C PRO D 139 -7.23 -17.42 -10.42
N ILE D 140 -8.06 -17.62 -9.41
CA ILE D 140 -8.17 -18.92 -8.74
C ILE D 140 -9.48 -19.57 -9.17
N LEU D 141 -9.40 -20.77 -9.73
CA LEU D 141 -10.56 -21.40 -10.36
C LEU D 141 -11.13 -22.57 -9.57
N ASP D 142 -12.43 -22.80 -9.72
CA ASP D 142 -13.07 -23.95 -9.10
C ASP D 142 -13.23 -25.04 -10.14
N LYS D 143 -13.83 -26.15 -9.74
CA LYS D 143 -13.94 -27.34 -10.59
C LYS D 143 -14.60 -27.06 -11.94
N CYS D 144 -15.40 -26.00 -12.00
CA CYS D 144 -16.14 -25.68 -13.22
C CYS D 144 -15.46 -24.59 -14.03
N GLY D 145 -14.24 -24.21 -13.61
CA GLY D 145 -13.47 -23.21 -14.33
C GLY D 145 -13.90 -21.79 -14.03
N ARG D 146 -14.77 -21.62 -13.05
CA ARG D 146 -15.23 -20.29 -12.68
C ARG D 146 -14.29 -19.62 -11.69
N VAL D 147 -14.07 -18.31 -11.87
CA VAL D 147 -13.18 -17.56 -11.01
C VAL D 147 -13.79 -17.30 -9.63
N ILE D 148 -13.11 -17.76 -8.59
CA ILE D 148 -13.61 -17.63 -7.24
C ILE D 148 -12.82 -16.61 -6.44
N GLY D 149 -11.83 -15.99 -7.09
CA GLY D 149 -11.00 -14.99 -6.44
C GLY D 149 -9.70 -14.76 -7.17
N LEU D 150 -8.95 -13.76 -6.73
CA LEU D 150 -7.67 -13.44 -7.36
C LEU D 150 -6.51 -13.65 -6.38
N TYR D 151 -5.33 -13.90 -6.94
CA TYR D 151 -4.15 -14.23 -6.15
C TYR D 151 -3.22 -13.02 -6.03
N GLY D 152 -2.65 -12.80 -4.85
CA GLY D 152 -1.65 -11.76 -4.69
C GLY D 152 -1.73 -10.90 -3.42
N ASN D 153 -2.67 -11.22 -2.54
CA ASN D 153 -2.82 -10.46 -1.30
C ASN D 153 -2.98 -11.39 -0.11
N GLY D 154 -1.99 -11.40 0.79
CA GLY D 154 -2.03 -12.29 1.94
C GLY D 154 -1.01 -11.99 3.03
N VAL D 155 -0.63 -13.04 3.76
CA VAL D 155 0.29 -12.91 4.88
C VAL D 155 1.53 -13.78 4.72
N VAL D 156 2.47 -13.61 5.64
CA VAL D 156 3.63 -14.50 5.74
C VAL D 156 3.71 -15.08 7.14
N ILE D 157 3.72 -16.40 7.25
CA ILE D 157 3.81 -17.06 8.55
C ILE D 157 5.26 -17.25 8.97
N LYS D 158 5.45 -17.63 10.23
CA LYS D 158 6.78 -17.76 10.82
C LYS D 158 7.64 -18.78 10.10
N ASN D 159 7.00 -19.71 9.41
CA ASN D 159 7.70 -20.74 8.64
C ASN D 159 8.27 -20.17 7.34
N GLY D 160 8.10 -18.87 7.14
CA GLY D 160 8.60 -18.20 5.95
C GLY D 160 7.66 -18.31 4.77
N SER D 161 6.68 -19.21 4.88
CA SER D 161 5.77 -19.49 3.79
C SER D 161 4.78 -18.35 3.54
N TYR D 162 4.71 -17.91 2.29
CA TYR D 162 3.71 -16.91 1.91
C TYR D 162 2.38 -17.59 1.63
N VAL D 163 1.31 -17.00 2.15
CA VAL D 163 -0.04 -17.52 1.93
C VAL D 163 -0.96 -16.41 1.45
N SER D 164 -1.49 -16.56 0.24
CA SER D 164 -2.38 -15.56 -0.34
C SER D 164 -3.83 -15.83 0.00
N ALA D 165 -4.62 -14.77 0.06
CA ALA D 165 -6.06 -14.91 0.24
C ALA D 165 -6.70 -15.18 -1.11
N ILE D 166 -7.88 -15.79 -1.09
CA ILE D 166 -8.69 -15.89 -2.29
C ILE D 166 -9.61 -14.68 -2.31
N THR D 167 -9.13 -13.58 -2.89
CA THR D 167 -9.80 -12.30 -2.83
C THR D 167 -10.86 -12.15 -3.90
N GLN D 168 -12.12 -12.12 -3.48
CA GLN D 168 -13.24 -11.97 -4.39
C GLN D 168 -14.00 -10.67 -4.12
N GLY D 169 -14.44 -10.01 -5.18
CA GLY D 169 -15.21 -8.79 -5.04
C GLY D 169 -16.70 -9.04 -4.95
N LYS D 170 -17.49 -7.99 -5.20
CA LYS D 170 -18.94 -8.09 -5.17
C LYS D 170 -19.54 -7.65 -6.50
N ARG D 171 -20.52 -8.41 -6.98
CA ARG D 171 -21.12 -8.14 -8.29
C ARG D 171 -22.36 -7.27 -8.17
N ASP E 7 -0.86 17.77 -13.59
CA ASP E 7 -1.31 17.35 -12.27
C ASP E 7 -2.29 18.34 -11.63
N MET E 8 -3.47 17.83 -11.28
CA MET E 8 -4.49 18.60 -10.60
C MET E 8 -4.16 18.80 -9.13
N TYR E 9 -4.61 19.92 -8.58
CA TYR E 9 -4.38 20.24 -7.19
C TYR E 9 -5.61 20.88 -6.56
N ILE E 10 -5.71 20.80 -5.23
CA ILE E 10 -6.84 21.38 -4.52
C ILE E 10 -6.44 22.54 -3.62
N GLU E 11 -7.37 23.47 -3.43
CA GLU E 11 -7.20 24.59 -2.51
C GLU E 11 -8.54 24.91 -1.86
N ARG E 12 -8.50 25.25 -0.57
CA ARG E 12 -9.71 25.41 0.22
C ARG E 12 -10.60 26.54 -0.30
N ALA E 13 -11.90 26.44 -0.04
CA ALA E 13 -12.86 27.40 -0.54
C ALA E 13 -13.74 27.94 0.59
N GLY E 14 -13.55 27.41 1.79
CA GLY E 14 -14.31 27.87 2.94
C GLY E 14 -14.62 26.76 3.91
N ASP E 15 -15.63 26.97 4.76
CA ASP E 15 -16.04 25.98 5.74
C ASP E 15 -17.35 25.32 5.35
N ILE E 16 -17.54 24.08 5.79
CA ILE E 16 -18.81 23.38 5.61
C ILE E 16 -19.84 23.89 6.62
N THR E 17 -20.39 25.06 6.34
CA THR E 17 -21.35 25.67 7.27
C THR E 17 -22.71 25.95 6.65
N TRP E 18 -23.76 25.49 7.33
CA TRP E 18 -25.12 25.85 6.97
C TRP E 18 -25.36 27.32 7.28
N GLU E 19 -25.31 28.15 6.23
CA GLU E 19 -25.61 29.58 6.37
C GLU E 19 -27.02 29.74 6.89
N LYS E 20 -27.17 30.52 7.96
CA LYS E 20 -28.40 30.62 8.77
C LYS E 20 -29.68 30.63 7.95
N ASP E 21 -29.68 31.54 6.97
CA ASP E 21 -30.71 31.57 5.95
C ASP E 21 -30.26 32.51 4.82
N ALA E 22 -30.31 32.00 3.59
CA ALA E 22 -29.84 32.80 2.46
C ALA E 22 -30.82 32.68 1.31
N GLU E 23 -30.32 32.92 0.11
CA GLU E 23 -31.14 32.93 -1.08
C GLU E 23 -31.76 31.57 -1.40
N VAL E 24 -33.07 31.53 -1.53
CA VAL E 24 -33.78 30.33 -1.97
C VAL E 24 -34.11 30.42 -3.47
N THR E 25 -33.66 29.45 -4.25
CA THR E 25 -33.81 29.47 -5.71
C THR E 25 -34.14 28.09 -6.29
N GLY E 26 -34.76 28.06 -7.47
CA GLY E 26 -35.01 26.81 -8.19
C GLY E 26 -36.29 26.07 -7.87
N ASN E 27 -36.73 25.22 -8.79
CA ASN E 27 -37.94 24.44 -8.62
C ASN E 27 -37.77 23.33 -7.58
N SER E 28 -38.80 22.51 -7.44
CA SER E 28 -38.68 21.24 -6.72
C SER E 28 -39.34 20.16 -7.55
N PRO E 29 -38.82 19.91 -8.76
CA PRO E 29 -39.52 19.06 -9.73
C PRO E 29 -39.41 17.57 -9.44
N ARG E 30 -40.50 16.85 -9.67
CA ARG E 30 -40.50 15.40 -9.56
C ARG E 30 -40.43 14.77 -10.93
N LEU E 31 -39.23 14.34 -11.32
CA LEU E 31 -38.98 13.83 -12.67
C LEU E 31 -38.66 12.35 -12.69
N ASP E 32 -38.68 11.77 -13.89
CA ASP E 32 -38.37 10.36 -14.07
C ASP E 32 -37.17 10.19 -14.99
N VAL E 33 -36.11 9.58 -14.49
CA VAL E 33 -34.86 9.47 -15.23
C VAL E 33 -34.30 8.05 -15.30
N ALA E 34 -33.36 7.83 -16.21
CA ALA E 34 -32.68 6.55 -16.34
C ALA E 34 -31.17 6.73 -16.14
N LEU E 35 -30.55 5.79 -15.45
CA LEU E 35 -29.12 5.84 -15.19
C LEU E 35 -28.40 4.68 -15.88
N ASP E 36 -27.60 5.01 -16.89
CA ASP E 36 -26.90 3.98 -17.65
C ASP E 36 -25.68 3.48 -16.88
N GLU E 37 -24.97 2.53 -17.48
CA GLU E 37 -23.82 1.91 -16.84
C GLU E 37 -22.68 2.91 -16.66
N SER E 38 -22.58 3.87 -17.58
CA SER E 38 -21.51 4.85 -17.57
C SER E 38 -21.71 5.94 -16.52
N GLY E 39 -22.79 5.82 -15.74
CA GLY E 39 -23.07 6.77 -14.68
C GLY E 39 -23.73 8.05 -15.17
N ASP E 40 -24.29 8.01 -16.38
CA ASP E 40 -24.96 9.18 -16.95
C ASP E 40 -26.46 9.11 -16.72
N PHE E 41 -27.06 10.25 -16.36
CA PHE E 41 -28.51 10.36 -16.24
C PHE E 41 -29.12 10.68 -17.59
N SER E 42 -30.30 10.11 -17.85
CA SER E 42 -31.03 10.38 -19.08
C SER E 42 -32.52 10.41 -18.82
N LEU E 43 -33.21 11.37 -19.45
CA LEU E 43 -34.64 11.55 -19.25
C LEU E 43 -35.44 10.37 -19.80
N VAL E 44 -36.56 10.07 -19.15
CA VAL E 44 -37.45 9.01 -19.61
C VAL E 44 -38.69 9.61 -20.28
N GLY F 17 -0.80 18.37 4.17
CA GLY F 17 -1.95 18.85 3.42
C GLY F 17 -3.10 19.26 4.33
N GLU F 18 -3.81 20.30 3.94
CA GLU F 18 -4.92 20.81 4.73
C GLU F 18 -6.10 19.84 4.68
N THR F 19 -6.12 18.90 5.62
CA THR F 19 -7.19 17.92 5.69
C THR F 19 -8.33 18.38 6.59
N THR F 20 -8.46 19.69 6.76
CA THR F 20 -9.50 20.27 7.60
C THR F 20 -10.87 20.05 6.99
N ASP F 21 -11.88 19.85 7.84
CA ASP F 21 -13.24 19.64 7.38
C ASP F 21 -13.80 20.89 6.69
N GLY F 22 -13.53 21.01 5.39
CA GLY F 22 -14.00 22.13 4.61
C GLY F 22 -14.07 21.80 3.13
N VAL F 23 -14.61 22.72 2.34
CA VAL F 23 -14.76 22.50 0.91
C VAL F 23 -13.55 23.03 0.15
N TYR F 24 -13.13 22.29 -0.87
CA TYR F 24 -11.93 22.64 -1.64
C TYR F 24 -12.23 22.71 -3.13
N ARG F 25 -11.61 23.66 -3.81
CA ARG F 25 -11.75 23.75 -5.27
C ARG F 25 -10.81 22.75 -5.93
N VAL F 26 -11.22 22.21 -7.07
CA VAL F 26 -10.35 21.31 -7.83
C VAL F 26 -9.83 22.02 -9.07
N MET F 27 -8.55 22.37 -9.04
CA MET F 27 -7.95 23.18 -10.08
C MET F 27 -7.01 22.39 -10.99
N THR F 28 -6.69 22.96 -12.15
CA THR F 28 -5.71 22.38 -13.06
C THR F 28 -5.00 23.48 -13.83
N ARG F 29 -3.82 23.15 -14.36
CA ARG F 29 -3.03 24.10 -15.13
C ARG F 29 -3.27 23.88 -16.62
N ARG F 30 -4.54 23.95 -17.02
CA ARG F 30 -4.95 23.67 -18.39
C ARG F 30 -6.39 24.14 -18.61
N LEU F 31 -6.72 24.58 -19.82
CA LEU F 31 -5.77 24.65 -20.93
C LEU F 31 -5.29 26.08 -21.13
N LEU F 32 -6.24 27.01 -21.19
CA LEU F 32 -5.91 28.43 -21.24
C LEU F 32 -6.03 29.02 -19.85
N GLY F 33 -4.92 29.57 -19.35
CA GLY F 33 -4.87 30.09 -17.99
C GLY F 33 -5.01 28.97 -16.97
N SER F 34 -5.84 29.20 -15.97
CA SER F 34 -6.09 28.19 -14.96
C SER F 34 -7.59 27.93 -14.83
N THR F 35 -8.05 26.83 -15.41
CA THR F 35 -9.46 26.49 -15.41
C THR F 35 -9.82 25.55 -14.26
N GLN F 36 -10.93 25.82 -13.59
CA GLN F 36 -11.42 24.95 -12.54
C GLN F 36 -12.25 23.83 -13.16
N VAL F 37 -11.97 22.60 -12.73
CA VAL F 37 -12.63 21.43 -13.29
C VAL F 37 -13.65 20.82 -12.34
N GLY F 38 -13.71 21.32 -11.12
CA GLY F 38 -14.65 20.80 -10.13
C GLY F 38 -14.39 21.26 -8.72
N VAL F 39 -15.17 20.71 -7.78
CA VAL F 39 -15.08 21.05 -6.37
C VAL F 39 -15.06 19.76 -5.56
N GLY F 40 -14.63 19.81 -4.31
CA GLY F 40 -14.59 18.63 -3.47
C GLY F 40 -14.72 18.88 -1.98
N VAL F 41 -15.00 17.82 -1.24
CA VAL F 41 -15.20 17.92 0.21
C VAL F 41 -14.16 17.11 0.98
N MET F 42 -13.51 17.76 1.96
CA MET F 42 -12.59 17.07 2.85
C MET F 42 -13.22 16.87 4.21
N GLN F 43 -13.20 15.63 4.71
CA GLN F 43 -13.76 15.32 6.01
C GLN F 43 -13.19 14.02 6.57
N GLU F 44 -12.87 14.03 7.86
CA GLU F 44 -12.30 12.87 8.54
C GLU F 44 -11.06 12.35 7.84
N GLY F 45 -10.29 13.24 7.23
CA GLY F 45 -9.08 12.86 6.53
C GLY F 45 -9.32 12.52 5.07
N VAL F 46 -10.51 12.02 4.77
CA VAL F 46 -10.84 11.56 3.43
C VAL F 46 -11.40 12.68 2.58
N PHE F 47 -10.94 12.77 1.33
CA PHE F 47 -11.43 13.77 0.40
C PHE F 47 -12.48 13.18 -0.54
N HIS F 48 -13.62 13.83 -0.62
CA HIS F 48 -14.74 13.33 -1.41
C HIS F 48 -15.06 14.24 -2.59
N THR F 49 -15.27 13.65 -3.76
CA THR F 49 -15.61 14.41 -4.95
C THR F 49 -16.27 13.49 -5.98
N MET F 50 -16.58 14.03 -7.16
CA MET F 50 -17.22 13.24 -8.19
C MET F 50 -16.19 12.63 -9.14
N TRP F 51 -16.49 11.44 -9.66
CA TRP F 51 -15.53 10.69 -10.46
C TRP F 51 -15.17 11.37 -11.77
N HIS F 52 -16.18 11.93 -12.45
CA HIS F 52 -15.98 12.50 -13.78
C HIS F 52 -15.08 13.74 -13.76
N VAL F 53 -14.72 14.19 -12.56
CA VAL F 53 -13.86 15.35 -12.42
C VAL F 53 -12.39 14.95 -12.46
N THR F 54 -12.03 13.94 -11.69
CA THR F 54 -10.62 13.54 -11.55
C THR F 54 -10.30 12.27 -12.32
N LYS F 55 -11.34 11.59 -12.82
CA LYS F 55 -11.19 10.34 -13.56
C LYS F 55 -10.46 9.27 -12.73
N GLY F 56 -10.44 9.44 -11.42
CA GLY F 56 -9.78 8.49 -10.53
C GLY F 56 -8.31 8.81 -10.29
N ALA F 57 -7.77 9.73 -11.07
CA ALA F 57 -6.36 10.09 -10.96
C ALA F 57 -6.02 10.68 -9.59
N ALA F 58 -4.73 10.77 -9.30
CA ALA F 58 -4.28 11.25 -7.99
C ALA F 58 -4.31 12.78 -7.93
N LEU F 59 -4.32 13.31 -6.70
CA LEU F 59 -4.41 14.75 -6.49
C LEU F 59 -3.21 15.28 -5.71
N ARG F 60 -2.76 16.48 -6.08
CA ARG F 60 -1.66 17.12 -5.40
C ARG F 60 -2.15 18.03 -4.28
N SER F 61 -1.78 17.72 -3.05
CA SER F 61 -2.15 18.53 -1.90
C SER F 61 -0.93 19.28 -1.37
N GLY F 62 -0.54 20.32 -2.09
CA GLY F 62 0.66 21.07 -1.74
C GLY F 62 1.90 20.26 -2.06
N GLU F 63 2.67 19.95 -1.02
CA GLU F 63 3.87 19.13 -1.17
C GLU F 63 3.50 17.65 -1.12
N GLY F 64 2.34 17.35 -0.59
CA GLY F 64 1.87 15.97 -0.47
C GLY F 64 1.18 15.49 -1.73
N ARG F 65 0.60 14.29 -1.65
CA ARG F 65 -0.07 13.69 -2.79
C ARG F 65 -1.26 12.86 -2.33
N LEU F 66 -2.43 13.12 -2.91
CA LEU F 66 -3.63 12.37 -2.58
C LEU F 66 -3.81 11.19 -3.52
N ASP F 67 -3.77 9.98 -2.98
CA ASP F 67 -3.96 8.77 -3.77
C ASP F 67 -5.38 8.25 -3.60
N PRO F 68 -6.03 7.87 -4.71
CA PRO F 68 -7.38 7.33 -4.71
C PRO F 68 -7.50 6.10 -3.81
N TYR F 69 -8.70 5.82 -3.33
CA TYR F 69 -8.92 4.72 -2.40
C TYR F 69 -10.13 3.91 -2.84
N TRP F 70 -11.21 4.61 -3.13
CA TRP F 70 -12.43 4.00 -3.62
C TRP F 70 -13.06 4.87 -4.69
N GLY F 71 -13.70 4.24 -5.67
CA GLY F 71 -14.33 4.97 -6.75
C GLY F 71 -15.40 4.16 -7.42
N ASP F 72 -16.32 4.85 -8.09
CA ASP F 72 -17.41 4.19 -8.80
C ASP F 72 -17.89 5.10 -9.92
N VAL F 73 -17.86 4.60 -11.15
CA VAL F 73 -18.29 5.39 -12.30
C VAL F 73 -19.81 5.54 -12.34
N LYS F 74 -20.53 4.47 -12.00
CA LYS F 74 -21.99 4.53 -11.98
C LYS F 74 -22.48 5.49 -10.91
N GLN F 75 -21.89 5.40 -9.71
CA GLN F 75 -22.22 6.33 -8.64
C GLN F 75 -21.59 7.69 -8.89
N ASP F 76 -20.63 7.71 -9.81
CA ASP F 76 -19.87 8.92 -10.16
C ASP F 76 -19.23 9.55 -8.93
N LEU F 77 -18.66 8.70 -8.09
CA LEU F 77 -18.01 9.17 -6.86
C LEU F 77 -16.61 8.58 -6.71
N VAL F 78 -15.78 9.24 -5.91
CA VAL F 78 -14.42 8.80 -5.66
C VAL F 78 -13.90 9.41 -4.36
N SER F 79 -13.24 8.58 -3.54
CA SER F 79 -12.66 9.06 -2.30
C SER F 79 -11.14 8.93 -2.34
N TYR F 80 -10.46 9.75 -1.55
CA TYR F 80 -9.00 9.76 -1.50
C TYR F 80 -8.51 9.56 -0.08
N CYS F 81 -7.35 8.91 0.05
CA CYS F 81 -6.69 8.68 1.35
C CYS F 81 -7.46 7.75 2.28
N GLY F 82 -8.70 7.44 1.92
CA GLY F 82 -9.54 6.59 2.75
C GLY F 82 -10.91 6.34 2.15
N PRO F 83 -11.76 5.61 2.87
CA PRO F 83 -13.11 5.27 2.40
C PRO F 83 -14.10 6.41 2.56
N TRP F 84 -15.24 6.30 1.88
CA TRP F 84 -16.29 7.32 1.94
C TRP F 84 -16.76 7.54 3.37
N LYS F 85 -16.91 8.81 3.75
CA LYS F 85 -17.22 9.18 5.13
C LYS F 85 -18.61 9.78 5.30
N LEU F 86 -19.19 10.27 4.20
CA LEU F 86 -20.47 10.98 4.26
C LEU F 86 -21.66 10.03 4.08
N ASP F 87 -22.55 9.99 5.07
CA ASP F 87 -23.69 9.09 5.02
C ASP F 87 -25.01 9.78 5.34
N ALA F 88 -24.97 11.07 5.62
CA ALA F 88 -26.18 11.83 5.92
C ALA F 88 -27.12 11.83 4.72
N ALA F 89 -28.42 11.80 4.98
CA ALA F 89 -29.40 11.69 3.91
C ALA F 89 -30.52 12.74 4.02
N TRP F 90 -31.03 13.16 2.87
CA TRP F 90 -32.16 14.09 2.82
C TRP F 90 -33.43 13.39 3.28
N ASP F 91 -34.22 14.07 4.10
CA ASP F 91 -35.41 13.46 4.69
C ASP F 91 -36.62 13.50 3.75
N GLY F 92 -36.51 14.28 2.68
CA GLY F 92 -37.58 14.39 1.73
C GLY F 92 -38.56 15.51 2.05
N LEU F 93 -38.37 16.13 3.22
CA LEU F 93 -39.25 17.21 3.66
C LEU F 93 -38.53 18.54 3.78
N SER F 94 -37.57 18.61 4.69
CA SER F 94 -36.88 19.86 5.01
C SER F 94 -36.12 20.44 3.83
N GLU F 95 -35.73 21.71 3.96
CA GLU F 95 -34.99 22.40 2.92
C GLU F 95 -33.49 22.14 3.08
N VAL F 96 -32.75 22.23 1.99
CA VAL F 96 -31.31 21.99 2.03
C VAL F 96 -30.56 23.17 1.43
N GLN F 97 -29.25 23.21 1.66
CA GLN F 97 -28.42 24.26 1.08
C GLN F 97 -27.30 23.70 0.20
N LEU F 98 -27.21 24.22 -1.01
CA LEU F 98 -26.08 23.91 -1.88
C LEU F 98 -24.93 24.86 -1.59
N LEU F 99 -23.87 24.35 -0.98
CA LEU F 99 -22.68 25.14 -0.76
C LEU F 99 -21.95 25.28 -2.10
N ALA F 100 -22.53 26.10 -2.98
CA ALA F 100 -22.02 26.26 -4.33
C ALA F 100 -20.70 27.01 -4.36
N VAL F 101 -19.71 26.42 -5.03
CA VAL F 101 -18.42 27.06 -5.21
C VAL F 101 -18.08 27.17 -6.69
N PRO F 102 -18.60 28.21 -7.35
CA PRO F 102 -18.42 28.42 -8.80
C PRO F 102 -16.97 28.76 -9.16
N PRO F 103 -16.59 28.59 -10.43
CA PRO F 103 -15.24 28.91 -10.90
C PRO F 103 -14.91 30.39 -10.77
N GLY F 104 -13.91 30.71 -9.96
CA GLY F 104 -13.47 32.08 -9.79
C GLY F 104 -14.49 32.92 -9.04
N GLU F 105 -15.34 32.28 -8.26
CA GLU F 105 -16.35 32.95 -7.47
C GLU F 105 -16.43 32.34 -6.08
N ARG F 106 -16.65 33.18 -5.06
CA ARG F 106 -16.62 32.73 -3.68
C ARG F 106 -17.75 31.75 -3.38
N ALA F 107 -17.53 30.89 -2.39
CA ALA F 107 -18.53 29.91 -1.98
C ALA F 107 -19.77 30.60 -1.43
N LYS F 108 -20.93 30.25 -1.97
CA LYS F 108 -22.19 30.87 -1.55
C LYS F 108 -23.27 29.82 -1.31
N ASN F 109 -23.71 29.72 -0.06
CA ASN F 109 -24.79 28.82 0.31
C ASN F 109 -26.12 29.23 -0.33
N ILE F 110 -26.78 28.28 -0.98
CA ILE F 110 -28.06 28.54 -1.61
C ILE F 110 -29.10 27.54 -1.12
N GLN F 111 -30.04 28.00 -0.32
CA GLN F 111 -31.07 27.12 0.21
C GLN F 111 -32.10 26.83 -0.87
N THR F 112 -32.74 25.66 -0.78
CA THR F 112 -33.77 25.26 -1.72
C THR F 112 -34.51 24.03 -1.23
N LEU F 113 -35.69 23.81 -1.78
CA LEU F 113 -36.40 22.55 -1.57
C LEU F 113 -36.09 21.62 -2.74
N PRO F 114 -35.39 20.51 -2.46
CA PRO F 114 -34.96 19.57 -3.51
C PRO F 114 -36.14 18.96 -4.26
N GLY F 115 -35.92 18.63 -5.53
CA GLY F 115 -36.90 17.91 -6.31
C GLY F 115 -36.71 16.41 -6.15
N ILE F 116 -37.21 15.64 -7.10
CA ILE F 116 -37.12 14.19 -7.00
C ILE F 116 -36.74 13.55 -8.33
N PHE F 117 -35.67 12.76 -8.31
CA PHE F 117 -35.32 11.91 -9.45
C PHE F 117 -35.86 10.51 -9.25
N LYS F 118 -36.91 10.17 -10.00
CA LYS F 118 -37.54 8.86 -9.86
C LYS F 118 -36.94 7.85 -10.82
N THR F 119 -36.37 6.77 -10.27
CA THR F 119 -35.81 5.70 -11.08
C THR F 119 -36.44 4.35 -10.74
N LYS F 120 -36.03 3.30 -11.44
CA LYS F 120 -36.56 1.97 -11.22
C LYS F 120 -36.10 1.39 -9.89
N ASP F 121 -34.93 1.84 -9.43
CA ASP F 121 -34.33 1.32 -8.21
C ASP F 121 -34.65 2.22 -7.01
N GLY F 122 -35.60 3.13 -7.20
CA GLY F 122 -35.98 4.05 -6.15
C GLY F 122 -35.82 5.51 -6.57
N ASP F 123 -36.22 6.42 -5.70
CA ASP F 123 -36.11 7.85 -5.99
C ASP F 123 -34.95 8.47 -5.22
N ILE F 124 -34.38 9.53 -5.78
CA ILE F 124 -33.35 10.31 -5.08
C ILE F 124 -33.61 11.80 -5.27
N GLY F 125 -33.15 12.60 -4.31
CA GLY F 125 -33.39 14.03 -4.33
C GLY F 125 -32.61 14.75 -5.42
N ALA F 126 -33.14 15.87 -5.89
CA ALA F 126 -32.51 16.63 -6.96
C ALA F 126 -32.71 18.14 -6.76
N VAL F 127 -31.68 18.93 -7.08
CA VAL F 127 -31.76 20.37 -6.92
C VAL F 127 -31.80 21.09 -8.27
N ALA F 128 -32.78 21.99 -8.42
CA ALA F 128 -32.95 22.71 -9.68
C ALA F 128 -32.12 23.99 -9.70
N LEU F 129 -30.80 23.84 -9.66
CA LEU F 129 -29.89 24.97 -9.64
C LEU F 129 -28.87 24.86 -10.77
N ASP F 130 -28.88 25.82 -11.69
CA ASP F 130 -28.02 25.77 -12.87
C ASP F 130 -26.73 26.56 -12.66
N TYR F 131 -25.74 25.92 -12.05
CA TYR F 131 -24.45 26.56 -11.82
C TYR F 131 -23.41 26.04 -12.81
N PRO F 132 -22.51 26.92 -13.26
CA PRO F 132 -21.58 26.65 -14.37
C PRO F 132 -20.69 25.43 -14.19
N ALA F 133 -20.06 25.01 -15.28
CA ALA F 133 -19.16 23.88 -15.28
C ALA F 133 -17.94 24.16 -14.40
N GLY F 134 -17.61 23.19 -13.55
CA GLY F 134 -16.51 23.35 -12.60
C GLY F 134 -17.06 23.46 -11.21
N THR F 135 -18.38 23.39 -11.09
CA THR F 135 -19.03 23.49 -9.80
C THR F 135 -19.28 22.10 -9.24
N SER F 136 -19.07 21.09 -10.09
CA SER F 136 -19.30 19.69 -9.69
C SER F 136 -18.49 19.29 -8.47
N GLY F 137 -19.17 18.68 -7.51
CA GLY F 137 -18.53 18.23 -6.28
C GLY F 137 -18.89 19.13 -5.10
N SER F 138 -19.61 20.20 -5.38
CA SER F 138 -20.05 21.12 -4.33
C SER F 138 -21.03 20.43 -3.40
N PRO F 139 -20.79 20.53 -2.08
CA PRO F 139 -21.57 19.82 -1.06
C PRO F 139 -22.99 20.34 -0.89
N ILE F 140 -23.90 19.46 -0.50
CA ILE F 140 -25.25 19.83 -0.13
C ILE F 140 -25.46 19.52 1.35
N LEU F 141 -26.01 20.48 2.09
CA LEU F 141 -26.09 20.36 3.54
C LEU F 141 -27.54 20.29 4.03
N ASP F 142 -27.72 19.66 5.20
CA ASP F 142 -29.02 19.69 5.85
C ASP F 142 -29.01 20.72 6.96
N LYS F 143 -30.13 20.85 7.67
CA LYS F 143 -30.31 21.89 8.69
C LYS F 143 -29.23 21.89 9.76
N CYS F 144 -28.56 20.76 9.96
CA CYS F 144 -27.54 20.64 10.99
C CYS F 144 -26.13 20.80 10.41
N GLY F 145 -26.04 21.11 9.13
CA GLY F 145 -24.77 21.34 8.48
C GLY F 145 -24.11 20.10 7.91
N ARG F 146 -24.74 18.95 8.15
CA ARG F 146 -24.20 17.68 7.68
C ARG F 146 -24.33 17.52 6.17
N VAL F 147 -23.26 17.06 5.52
CA VAL F 147 -23.25 16.86 4.08
C VAL F 147 -24.11 15.66 3.69
N ILE F 148 -25.13 15.90 2.87
CA ILE F 148 -26.07 14.85 2.49
C ILE F 148 -25.90 14.40 1.05
N GLY F 149 -24.95 15.00 0.33
CA GLY F 149 -24.71 14.64 -1.04
C GLY F 149 -23.85 15.66 -1.78
N LEU F 150 -23.49 15.33 -3.03
CA LEU F 150 -22.65 16.20 -3.83
C LEU F 150 -23.36 16.63 -5.13
N TYR F 151 -23.01 17.82 -5.61
CA TYR F 151 -23.64 18.44 -6.76
C TYR F 151 -22.79 18.27 -8.02
N GLY F 152 -23.42 18.03 -9.15
CA GLY F 152 -22.70 17.99 -10.41
C GLY F 152 -23.11 16.95 -11.44
N ASN F 153 -23.95 16.00 -11.06
CA ASN F 153 -24.38 14.94 -11.96
C ASN F 153 -25.90 14.86 -12.05
N GLY F 154 -26.46 15.30 -13.18
CA GLY F 154 -27.91 15.32 -13.34
C GLY F 154 -28.37 15.40 -14.78
N VAL F 155 -29.52 16.04 -14.99
CA VAL F 155 -30.12 16.13 -16.32
C VAL F 155 -30.39 17.57 -16.75
N VAL F 156 -31.05 17.71 -17.90
CA VAL F 156 -31.51 19.01 -18.38
C VAL F 156 -32.98 18.91 -18.78
N ILE F 157 -33.73 19.98 -18.55
CA ILE F 157 -35.13 20.01 -18.94
C ILE F 157 -35.28 20.68 -20.30
N LYS F 158 -36.48 20.60 -20.87
CA LYS F 158 -36.75 21.16 -22.20
C LYS F 158 -36.79 22.68 -22.17
N ASN F 159 -35.80 23.27 -21.51
CA ASN F 159 -35.76 24.71 -21.26
C ASN F 159 -34.31 25.18 -21.23
N GLY F 160 -33.40 24.22 -21.12
CA GLY F 160 -31.97 24.51 -21.04
C GLY F 160 -31.50 24.52 -19.61
N SER F 161 -32.46 24.55 -18.69
CA SER F 161 -32.15 24.57 -17.26
C SER F 161 -31.56 23.25 -16.80
N TYR F 162 -30.70 23.31 -15.79
CA TYR F 162 -29.99 22.14 -15.31
C TYR F 162 -30.46 21.71 -13.92
N VAL F 163 -30.70 20.41 -13.76
CA VAL F 163 -31.08 19.84 -12.48
C VAL F 163 -30.09 18.74 -12.08
N SER F 164 -29.50 18.88 -10.90
CA SER F 164 -28.53 17.90 -10.43
C SER F 164 -29.08 17.05 -9.29
N ALA F 165 -28.67 15.80 -9.25
CA ALA F 165 -29.10 14.89 -8.19
C ALA F 165 -28.31 15.13 -6.92
N ILE F 166 -28.84 14.69 -5.79
CA ILE F 166 -28.12 14.74 -4.53
C ILE F 166 -27.39 13.40 -4.34
N THR F 167 -26.24 13.29 -5.00
CA THR F 167 -25.48 12.04 -5.02
C THR F 167 -24.75 11.80 -3.72
N GLN F 168 -25.14 10.75 -3.01
CA GLN F 168 -24.50 10.37 -1.75
C GLN F 168 -23.93 8.95 -1.84
N GLY F 169 -22.73 8.75 -1.30
CA GLY F 169 -22.08 7.45 -1.35
C GLY F 169 -22.35 6.59 -0.14
N LYS F 170 -21.58 5.51 0.00
CA LYS F 170 -21.75 4.58 1.10
C LYS F 170 -20.53 4.56 2.01
N ARG F 171 -20.75 4.88 3.28
CA ARG F 171 -19.69 4.88 4.27
C ARG F 171 -19.30 3.45 4.65
N ASP G 7 20.38 13.93 19.66
CA ASP G 7 21.36 14.82 20.27
C ASP G 7 20.72 16.16 20.65
N MET G 8 20.17 16.23 21.86
CA MET G 8 19.50 17.44 22.33
C MET G 8 19.95 17.80 23.74
N TYR G 9 19.24 18.74 24.36
CA TYR G 9 19.51 19.16 25.74
C TYR G 9 18.27 19.76 26.39
N ILE G 10 18.21 19.71 27.72
CA ILE G 10 17.07 20.24 28.47
C ILE G 10 17.50 21.34 29.45
N GLU G 11 16.56 22.20 29.84
CA GLU G 11 16.81 23.23 30.85
C GLU G 11 15.55 23.48 31.68
N ARG G 12 15.73 23.94 32.92
CA ARG G 12 14.61 24.06 33.85
C ARG G 12 13.59 25.12 33.42
N ALA G 13 12.33 24.92 33.80
CA ALA G 13 11.26 25.83 33.42
C ALA G 13 10.48 26.31 34.64
N GLY G 14 10.29 25.44 35.62
CA GLY G 14 9.57 25.82 36.82
C GLY G 14 9.48 24.71 37.86
N ASP G 15 8.39 24.74 38.64
CA ASP G 15 8.13 23.72 39.66
C ASP G 15 6.83 22.97 39.38
N ILE G 16 6.58 21.92 40.17
CA ILE G 16 5.33 21.17 40.09
C ILE G 16 4.31 21.77 41.05
N THR G 17 3.56 22.76 40.60
CA THR G 17 2.67 23.53 41.48
C THR G 17 1.25 23.67 40.94
N TRP G 18 0.28 23.33 41.78
CA TRP G 18 -1.12 23.59 41.45
C TRP G 18 -1.47 25.04 41.76
N GLU G 19 -1.84 25.78 40.73
CA GLU G 19 -2.23 27.17 40.89
C GLU G 19 -3.68 27.28 41.37
N LYS G 20 -3.87 27.76 42.58
CA LYS G 20 -5.19 27.88 43.20
C LYS G 20 -6.14 28.71 42.33
N ASP G 21 -5.64 29.83 41.85
CA ASP G 21 -6.43 30.69 40.97
C ASP G 21 -5.74 30.83 39.62
N ALA G 22 -6.29 30.16 38.61
CA ALA G 22 -5.68 30.14 37.30
C ALA G 22 -6.69 30.34 36.18
N GLU G 23 -6.20 30.63 34.98
CA GLU G 23 -7.04 30.83 33.82
C GLU G 23 -7.75 29.53 33.42
N VAL G 24 -9.01 29.39 33.81
CA VAL G 24 -9.78 28.19 33.52
C VAL G 24 -10.47 28.31 32.17
N THR G 25 -9.89 27.67 31.16
CA THR G 25 -10.45 27.73 29.81
C THR G 25 -10.78 26.35 29.27
N GLY G 26 -10.94 26.27 27.96
CA GLY G 26 -11.20 25.02 27.28
C GLY G 26 -12.54 24.41 27.61
N ASN G 27 -12.94 23.42 26.82
CA ASN G 27 -14.18 22.71 27.08
C ASN G 27 -13.94 21.27 27.52
N SER G 28 -15.04 20.54 27.63
CA SER G 28 -14.99 19.13 27.99
C SER G 28 -15.68 18.27 26.95
N PRO G 29 -15.03 18.07 25.80
CA PRO G 29 -15.54 17.31 24.65
C PRO G 29 -15.46 15.78 24.83
N ARG G 30 -16.59 15.11 24.60
CA ARG G 30 -16.64 13.66 24.63
C ARG G 30 -16.49 13.11 23.20
N LEU G 31 -15.29 12.64 22.89
CA LEU G 31 -14.97 12.23 21.51
C LEU G 31 -14.70 10.74 21.37
N ASP G 32 -15.02 10.22 20.19
CA ASP G 32 -14.73 8.83 19.87
C ASP G 32 -13.48 8.75 18.99
N VAL G 33 -12.45 8.07 19.49
CA VAL G 33 -11.19 7.97 18.77
C VAL G 33 -10.65 6.55 18.71
N ALA G 34 -9.69 6.33 17.82
CA ALA G 34 -9.01 5.05 17.71
C ALA G 34 -7.51 5.25 17.62
N LEU G 35 -6.75 4.52 18.43
CA LEU G 35 -5.30 4.64 18.46
C LEU G 35 -4.64 3.61 17.56
N ASP G 36 -3.91 4.08 16.56
CA ASP G 36 -3.25 3.17 15.62
C ASP G 36 -1.94 2.64 16.21
N GLU G 37 -1.31 1.71 15.48
CA GLU G 37 -0.07 1.12 15.93
C GLU G 37 1.07 2.13 15.97
N SER G 38 1.03 3.10 15.06
CA SER G 38 2.07 4.12 14.98
C SER G 38 1.96 5.16 16.09
N GLY G 39 0.93 5.01 16.94
CA GLY G 39 0.77 5.87 18.09
C GLY G 39 0.02 7.15 17.80
N ASP G 40 -0.61 7.23 16.62
CA ASP G 40 -1.40 8.39 16.25
C ASP G 40 -2.87 8.15 16.52
N PHE G 41 -3.59 9.21 16.88
CA PHE G 41 -5.02 9.10 17.14
C PHE G 41 -5.85 9.41 15.90
N SER G 42 -6.93 8.65 15.70
CA SER G 42 -7.83 8.88 14.58
C SER G 42 -9.24 9.16 15.07
N LEU G 43 -9.88 10.18 14.50
CA LEU G 43 -11.19 10.61 14.94
C LEU G 43 -12.31 9.89 14.18
N VAL G 44 -13.25 9.32 14.92
CA VAL G 44 -14.43 8.69 14.34
C VAL G 44 -15.70 9.08 15.09
N GLY H 17 22.21 16.98 40.26
CA GLY H 17 22.43 18.40 40.41
C GLY H 17 21.12 19.18 40.41
N GLU H 18 20.50 19.28 39.24
CA GLU H 18 19.19 19.91 39.12
C GLU H 18 18.13 18.83 38.96
N THR H 19 18.47 17.61 39.38
CA THR H 19 17.58 16.46 39.26
C THR H 19 16.35 16.58 40.18
N THR H 20 16.25 17.71 40.88
CA THR H 20 15.08 17.99 41.71
C THR H 20 13.81 17.97 40.87
N ASP H 21 12.70 17.58 41.49
CA ASP H 21 11.44 17.43 40.78
C ASP H 21 10.95 18.74 40.18
N GLY H 22 11.13 18.89 38.88
CA GLY H 22 10.70 20.10 38.19
C GLY H 22 10.40 19.84 36.72
N VAL H 23 9.85 20.85 36.06
CA VAL H 23 9.52 20.74 34.64
C VAL H 23 10.65 21.37 33.80
N TYR H 24 10.92 20.78 32.64
CA TYR H 24 12.07 21.19 31.84
C TYR H 24 11.71 21.45 30.39
N ARG H 25 12.50 22.30 29.73
CA ARG H 25 12.33 22.59 28.31
C ARG H 25 13.29 21.76 27.47
N VAL H 26 12.75 20.82 26.70
CA VAL H 26 13.58 20.03 25.80
C VAL H 26 13.96 20.87 24.59
N MET H 27 15.26 21.12 24.43
CA MET H 27 15.76 22.06 23.42
C MET H 27 16.72 21.42 22.44
N THR H 28 17.06 22.15 21.39
CA THR H 28 18.10 21.76 20.46
C THR H 28 18.57 22.98 19.66
N ARG H 29 19.85 23.00 19.31
CA ARG H 29 20.39 24.09 18.50
C ARG H 29 19.77 24.06 17.10
N ARG H 30 19.76 22.87 16.52
CA ARG H 30 19.04 22.59 15.26
C ARG H 30 19.32 23.59 14.14
N LEU H 31 18.25 23.97 13.44
CA LEU H 31 18.32 24.79 12.25
C LEU H 31 18.84 26.19 12.53
N LEU H 32 18.23 26.87 13.50
CA LEU H 32 18.62 28.25 13.77
C LEU H 32 18.50 28.61 15.25
N GLY H 33 19.61 29.01 15.85
CA GLY H 33 19.63 29.47 17.23
C GLY H 33 19.10 28.48 18.24
N SER H 34 18.26 28.97 19.15
CA SER H 34 17.65 28.13 20.17
C SER H 34 16.29 27.63 19.71
N THR H 35 16.20 26.33 19.45
CA THR H 35 14.95 25.73 18.96
C THR H 35 14.37 24.74 19.95
N GLN H 36 13.22 25.10 20.51
CA GLN H 36 12.52 24.20 21.43
C GLN H 36 11.74 23.14 20.67
N VAL H 37 11.83 21.90 21.14
CA VAL H 37 11.12 20.80 20.50
C VAL H 37 10.04 20.21 21.40
N GLY H 38 10.22 20.31 22.71
CA GLY H 38 9.25 19.76 23.64
C GLY H 38 9.43 20.17 25.08
N VAL H 39 8.63 19.56 25.95
CA VAL H 39 8.68 19.78 27.39
C VAL H 39 8.87 18.44 28.06
N GLY H 40 9.37 18.43 29.29
CA GLY H 40 9.58 17.19 30.01
C GLY H 40 9.44 17.33 31.51
N VAL H 41 9.33 16.20 32.20
CA VAL H 41 9.20 16.19 33.65
C VAL H 41 10.30 15.38 34.33
N MET H 42 11.07 16.05 35.17
CA MET H 42 12.05 15.37 36.01
C MET H 42 11.40 14.99 37.34
N GLN H 43 11.41 13.70 37.66
CA GLN H 43 10.80 13.26 38.91
C GLN H 43 11.43 11.96 39.41
N GLU H 44 11.85 11.97 40.66
CA GLU H 44 12.49 10.82 41.30
C GLU H 44 13.72 10.36 40.53
N GLY H 45 14.47 11.31 39.99
CA GLY H 45 15.69 11.01 39.26
C GLY H 45 15.45 10.60 37.82
N VAL H 46 14.18 10.48 37.44
CA VAL H 46 13.83 10.05 36.09
C VAL H 46 13.18 11.17 35.29
N PHE H 47 13.66 11.36 34.07
CA PHE H 47 13.10 12.37 33.17
C PHE H 47 12.02 11.77 32.27
N HIS H 48 10.85 12.39 32.26
CA HIS H 48 9.73 11.87 31.47
C HIS H 48 9.37 12.83 30.35
N THR H 49 9.06 12.29 29.18
CA THR H 49 8.57 13.09 28.07
C THR H 49 7.82 12.20 27.08
N MET H 50 7.53 12.74 25.89
CA MET H 50 6.85 11.97 24.86
C MET H 50 7.82 11.55 23.77
N TRP H 51 7.54 10.42 23.13
CA TRP H 51 8.47 9.81 22.18
C TRP H 51 8.81 10.72 20.99
N HIS H 52 7.78 11.21 20.31
CA HIS H 52 7.97 11.95 19.06
C HIS H 52 8.81 13.21 19.25
N VAL H 53 8.85 13.71 20.48
CA VAL H 53 9.71 14.84 20.81
C VAL H 53 11.18 14.47 20.62
N THR H 54 11.56 13.35 21.21
CA THR H 54 12.95 12.89 21.18
C THR H 54 13.19 11.87 20.08
N LYS H 55 12.17 11.07 19.77
CA LYS H 55 12.31 9.94 18.85
C LYS H 55 13.39 8.99 19.33
N GLY H 56 13.52 8.87 20.66
CA GLY H 56 14.49 7.98 21.26
C GLY H 56 15.91 8.52 21.29
N ALA H 57 16.09 9.74 20.80
CA ALA H 57 17.41 10.35 20.72
C ALA H 57 18.00 10.60 22.09
N ALA H 58 19.33 10.72 22.15
CA ALA H 58 20.03 10.90 23.41
C ALA H 58 19.96 12.35 23.88
N LEU H 59 19.58 12.54 25.14
CA LEU H 59 19.62 13.85 25.77
C LEU H 59 21.04 14.15 26.22
N ARG H 60 21.86 14.60 25.27
CA ARG H 60 23.26 14.93 25.52
C ARG H 60 23.41 15.84 26.74
N SER H 61 22.57 16.87 26.79
CA SER H 61 22.47 17.76 27.95
C SER H 61 23.81 18.34 28.39
N GLY H 62 24.71 18.54 27.43
CA GLY H 62 26.03 19.08 27.72
C GLY H 62 26.96 18.07 28.34
N GLU H 63 27.48 18.40 29.53
CA GLU H 63 28.44 17.55 30.22
C GLU H 63 27.82 16.23 30.66
N GLY H 64 26.75 16.31 31.44
CA GLY H 64 26.07 15.12 31.93
C GLY H 64 25.11 14.55 30.90
N ARG H 65 25.23 13.26 30.64
CA ARG H 65 24.41 12.61 29.63
C ARG H 65 23.16 11.98 30.25
N LEU H 66 22.05 12.03 29.51
CA LEU H 66 20.84 11.34 29.92
C LEU H 66 20.53 10.25 28.90
N ASP H 67 20.59 9.00 29.34
CA ASP H 67 20.41 7.86 28.45
C ASP H 67 18.98 7.36 28.45
N PRO H 68 18.40 7.15 27.25
CA PRO H 68 17.05 6.59 27.13
C PRO H 68 16.95 5.25 27.83
N TYR H 69 15.87 5.06 28.58
CA TYR H 69 15.70 3.87 29.40
C TYR H 69 14.54 3.04 28.88
N TRP H 70 13.33 3.54 29.07
CA TRP H 70 12.13 2.91 28.54
C TRP H 70 11.51 3.81 27.50
N GLY H 71 10.83 3.23 26.52
CA GLY H 71 10.16 4.00 25.49
C GLY H 71 9.09 3.22 24.75
N ASP H 72 8.10 3.92 24.23
CA ASP H 72 7.04 3.31 23.47
C ASP H 72 6.69 4.22 22.29
N VAL H 73 5.89 3.72 21.36
CA VAL H 73 5.43 4.53 20.24
C VAL H 73 3.92 4.63 20.25
N LYS H 74 3.25 3.52 20.57
CA LYS H 74 1.80 3.51 20.70
C LYS H 74 1.39 4.38 21.88
N GLN H 75 2.13 4.26 22.98
CA GLN H 75 1.93 5.14 24.12
C GLN H 75 2.53 6.51 23.85
N ASP H 76 3.50 6.55 22.94
CA ASP H 76 4.26 7.76 22.62
C ASP H 76 4.85 8.37 23.88
N LEU H 77 5.49 7.53 24.69
CA LEU H 77 6.18 7.98 25.88
C LEU H 77 7.64 7.53 25.86
N VAL H 78 8.44 8.10 26.77
CA VAL H 78 9.82 7.70 26.92
C VAL H 78 10.39 8.26 28.22
N SER H 79 11.03 7.41 29.01
CA SER H 79 11.69 7.84 30.23
C SER H 79 13.21 7.70 30.10
N TYR H 80 13.94 8.62 30.74
CA TYR H 80 15.40 8.60 30.71
C TYR H 80 15.96 8.29 32.09
N CYS H 81 17.13 7.67 32.13
CA CYS H 81 17.86 7.41 33.38
C CYS H 81 17.11 6.52 34.37
N GLY H 82 15.98 5.97 33.97
CA GLY H 82 15.20 5.12 34.84
C GLY H 82 13.83 4.77 34.30
N PRO H 83 13.07 3.95 35.04
CA PRO H 83 11.73 3.53 34.66
C PRO H 83 10.72 4.65 34.82
N TRP H 84 9.53 4.50 34.23
CA TRP H 84 8.48 5.50 34.35
C TRP H 84 8.05 5.61 35.82
N LYS H 85 8.00 6.83 36.34
CA LYS H 85 7.74 7.07 37.75
C LYS H 85 6.36 7.66 38.01
N LEU H 86 5.80 8.34 37.02
CA LEU H 86 4.49 8.98 37.17
C LEU H 86 3.39 7.93 37.19
N ASP H 87 2.38 8.12 38.04
CA ASP H 87 1.35 7.10 38.21
C ASP H 87 0.02 7.65 38.75
N ALA H 88 -0.19 8.96 38.63
CA ALA H 88 -1.45 9.56 39.05
C ALA H 88 -2.44 9.59 37.89
N ALA H 89 -3.73 9.68 38.22
CA ALA H 89 -4.75 9.69 37.19
C ALA H 89 -5.86 10.71 37.49
N TRP H 90 -6.53 11.17 36.44
CA TRP H 90 -7.67 12.06 36.57
C TRP H 90 -8.85 11.32 37.20
N ASP H 91 -9.41 11.87 38.27
CA ASP H 91 -10.45 11.19 39.02
C ASP H 91 -11.72 11.00 38.20
N GLY H 92 -11.90 11.84 37.18
CA GLY H 92 -13.05 11.73 36.31
C GLY H 92 -14.07 12.83 36.54
N LEU H 93 -13.93 13.54 37.66
CA LEU H 93 -14.85 14.60 38.01
C LEU H 93 -14.16 15.95 38.21
N SER H 94 -13.04 15.93 38.93
CA SER H 94 -12.33 17.15 39.27
C SER H 94 -11.62 17.76 38.07
N GLU H 95 -11.43 19.08 38.12
CA GLU H 95 -10.70 19.78 37.07
C GLU H 95 -9.20 19.63 37.26
N VAL H 96 -8.45 19.82 36.19
CA VAL H 96 -6.99 19.63 36.21
C VAL H 96 -6.28 20.87 35.68
N GLN H 97 -4.97 20.89 35.82
CA GLN H 97 -4.19 22.02 35.32
C GLN H 97 -3.09 21.61 34.36
N LEU H 98 -3.11 22.21 33.16
CA LEU H 98 -2.05 22.02 32.19
C LEU H 98 -0.87 22.94 32.52
N LEU H 99 0.15 22.38 33.14
CA LEU H 99 1.38 23.11 33.38
C LEU H 99 2.09 23.30 32.05
N ALA H 100 1.56 24.22 31.24
CA ALA H 100 2.06 24.42 29.88
C ALA H 100 3.37 25.20 29.89
N VAL H 101 4.35 24.70 29.12
CA VAL H 101 5.61 25.42 28.95
C VAL H 101 5.86 25.64 27.46
N PRO H 102 5.24 26.69 26.89
CA PRO H 102 5.33 27.01 25.46
C PRO H 102 6.68 27.61 25.09
N PRO H 103 7.10 27.47 23.83
CA PRO H 103 8.38 28.00 23.34
C PRO H 103 8.50 29.50 23.52
N GLY H 104 9.67 29.95 23.98
CA GLY H 104 9.93 31.37 24.11
C GLY H 104 9.07 32.10 25.13
N GLU H 105 8.29 31.33 25.89
CA GLU H 105 7.44 31.90 26.93
C GLU H 105 7.49 31.04 28.19
N ARG H 106 6.97 31.56 29.29
CA ARG H 106 7.11 30.92 30.59
C ARG H 106 5.96 29.98 30.91
N ALA H 107 6.06 29.29 32.05
CA ALA H 107 5.09 28.29 32.46
C ALA H 107 3.77 28.91 32.92
N LYS H 108 2.68 28.46 32.31
CA LYS H 108 1.34 28.94 32.65
C LYS H 108 0.44 27.80 33.09
N ASN H 109 0.02 27.81 34.35
CA ASN H 109 -0.77 26.72 34.90
C ASN H 109 -2.24 26.75 34.47
N ILE H 110 -2.48 26.62 33.17
CA ILE H 110 -3.84 26.63 32.62
C ILE H 110 -4.72 25.53 33.21
N GLN H 111 -5.87 25.92 33.76
CA GLN H 111 -6.79 24.96 34.36
C GLN H 111 -7.95 24.69 33.41
N THR H 112 -8.58 23.53 33.56
CA THR H 112 -9.70 23.12 32.72
C THR H 112 -10.35 21.86 33.24
N LEU H 113 -11.55 21.55 32.73
CA LEU H 113 -12.16 20.24 32.97
C LEU H 113 -11.95 19.37 31.73
N PRO H 114 -11.28 18.22 31.92
CA PRO H 114 -10.94 17.31 30.82
C PRO H 114 -12.15 16.73 30.11
N GLY H 115 -12.00 16.51 28.80
CA GLY H 115 -13.02 15.80 28.03
C GLY H 115 -12.78 14.31 28.10
N ILE H 116 -13.29 13.57 27.12
CA ILE H 116 -13.15 12.11 27.12
C ILE H 116 -12.79 11.55 25.75
N PHE H 117 -11.74 10.73 25.70
CA PHE H 117 -11.44 9.93 24.52
C PHE H 117 -12.06 8.56 24.68
N LYS H 118 -12.89 8.16 23.71
CA LYS H 118 -13.58 6.89 23.79
C LYS H 118 -13.02 5.88 22.80
N THR H 119 -12.07 5.06 23.26
CA THR H 119 -11.46 4.04 22.42
C THR H 119 -12.10 2.67 22.68
N LYS H 120 -11.48 1.63 22.13
CA LYS H 120 -11.97 0.27 22.32
C LYS H 120 -11.41 -0.35 23.60
N ASP H 121 -10.30 0.20 24.08
CA ASP H 121 -9.60 -0.36 25.23
C ASP H 121 -9.81 0.47 26.49
N GLY H 122 -10.86 1.27 26.50
CA GLY H 122 -11.20 2.06 27.66
C GLY H 122 -11.29 3.56 27.39
N ASP H 123 -11.63 4.31 28.43
CA ASP H 123 -11.78 5.76 28.31
C ASP H 123 -10.63 6.48 28.98
N ILE H 124 -10.07 7.47 28.30
CA ILE H 124 -9.06 8.34 28.89
C ILE H 124 -9.49 9.80 28.78
N GLY H 125 -8.93 10.65 29.65
CA GLY H 125 -9.28 12.05 29.66
C GLY H 125 -8.57 12.84 28.58
N ALA H 126 -9.10 14.01 28.25
CA ALA H 126 -8.50 14.84 27.21
C ALA H 126 -8.79 16.31 27.45
N VAL H 127 -7.75 17.15 27.31
CA VAL H 127 -7.91 18.59 27.51
C VAL H 127 -8.19 19.29 26.19
N ALA H 128 -9.10 20.26 26.23
CA ALA H 128 -9.52 21.00 25.05
C ALA H 128 -8.70 22.28 24.92
N LEU H 129 -7.58 22.32 25.62
CA LEU H 129 -6.61 23.40 25.51
C LEU H 129 -5.76 23.19 24.26
N ASP H 130 -5.11 24.25 23.79
CA ASP H 130 -4.31 24.15 22.56
C ASP H 130 -3.07 25.03 22.66
N TYR H 131 -1.94 24.47 22.23
CA TYR H 131 -0.66 25.19 22.27
C TYR H 131 0.23 24.74 21.12
N PRO H 132 1.14 25.63 20.67
CA PRO H 132 1.99 25.30 19.51
C PRO H 132 2.93 24.13 19.78
N ALA H 133 3.62 23.68 18.74
CA ALA H 133 4.59 22.60 18.88
C ALA H 133 5.72 23.05 19.81
N GLY H 134 6.24 22.11 20.59
CA GLY H 134 7.26 22.42 21.57
C GLY H 134 6.67 22.41 22.96
N THR H 135 5.35 22.45 23.05
CA THR H 135 4.66 22.44 24.32
C THR H 135 4.37 21.00 24.75
N SER H 136 4.62 20.06 23.84
CA SER H 136 4.40 18.64 24.10
C SER H 136 5.30 18.13 25.21
N GLY H 137 4.70 17.47 26.20
CA GLY H 137 5.44 16.95 27.32
C GLY H 137 5.15 17.71 28.60
N SER H 138 4.39 18.79 28.46
CA SER H 138 3.96 19.58 29.61
C SER H 138 3.11 18.71 30.52
N PRO H 139 3.30 18.83 31.84
CA PRO H 139 2.56 17.98 32.79
C PRO H 139 1.14 18.48 33.06
N ILE H 140 0.22 17.54 33.30
CA ILE H 140 -1.12 17.88 33.74
C ILE H 140 -1.26 17.56 35.23
N LEU H 141 -1.66 18.56 36.02
CA LEU H 141 -1.69 18.41 37.46
C LEU H 141 -3.11 18.32 38.00
N ASP H 142 -3.25 17.62 39.13
CA ASP H 142 -4.51 17.59 39.87
C ASP H 142 -4.35 18.44 41.12
N LYS H 143 -5.44 18.62 41.87
CA LYS H 143 -5.41 19.49 43.04
C LYS H 143 -4.44 19.00 44.11
N CYS H 144 -3.98 17.75 43.96
CA CYS H 144 -2.96 17.20 44.83
C CYS H 144 -1.60 17.81 44.49
N GLY H 145 -1.44 18.23 43.24
CA GLY H 145 -0.18 18.76 42.76
C GLY H 145 0.70 17.67 42.18
N ARG H 146 0.06 16.59 41.71
CA ARG H 146 0.78 15.44 41.17
C ARG H 146 0.49 15.25 39.69
N VAL H 147 1.52 14.86 38.94
CA VAL H 147 1.40 14.69 37.50
C VAL H 147 0.56 13.47 37.15
N ILE H 148 -0.53 13.70 36.40
CA ILE H 148 -1.46 12.63 36.07
C ILE H 148 -1.38 12.25 34.60
N GLY H 149 -0.58 13.00 33.83
CA GLY H 149 -0.42 12.73 32.42
C GLY H 149 0.28 13.86 31.69
N LEU H 150 0.54 13.66 30.40
CA LEU H 150 1.27 14.65 29.61
C LEU H 150 0.48 15.12 28.40
N TYR H 151 0.84 16.31 27.92
CA TYR H 151 0.16 16.96 26.80
C TYR H 151 1.00 16.85 25.54
N GLY H 152 0.35 16.73 24.38
CA GLY H 152 1.08 16.75 23.12
C GLY H 152 0.63 15.79 22.03
N ASN H 153 -0.21 14.82 22.39
CA ASN H 153 -0.66 13.84 21.41
C ASN H 153 -2.19 13.69 21.40
N GLY H 154 -2.80 13.98 20.26
CA GLY H 154 -4.25 13.88 20.12
C GLY H 154 -4.73 14.19 18.72
N VAL H 155 -6.01 14.53 18.60
CA VAL H 155 -6.62 14.82 17.30
C VAL H 155 -7.05 16.28 17.15
N VAL H 156 -7.43 16.65 15.93
CA VAL H 156 -7.99 17.96 15.65
C VAL H 156 -9.48 17.84 15.30
N ILE H 157 -10.27 18.80 15.75
CA ILE H 157 -11.71 18.74 15.49
C ILE H 157 -12.06 19.40 14.17
N LYS H 158 -13.27 19.17 13.69
CA LYS H 158 -13.79 19.88 12.54
C LYS H 158 -13.79 21.38 12.82
N ASN H 159 -13.96 21.72 14.10
CA ASN H 159 -13.85 23.10 14.55
C ASN H 159 -12.49 23.69 14.22
N GLY H 160 -11.46 22.87 14.31
CA GLY H 160 -10.10 23.31 14.04
C GLY H 160 -9.23 23.15 15.27
N SER H 161 -9.86 23.26 16.44
CA SER H 161 -9.15 23.18 17.70
C SER H 161 -8.46 21.84 17.89
N TYR H 162 -7.47 21.81 18.78
CA TYR H 162 -6.72 20.59 19.03
C TYR H 162 -7.07 20.01 20.39
N VAL H 163 -7.46 18.74 20.40
CA VAL H 163 -7.71 18.03 21.65
C VAL H 163 -6.59 17.03 21.91
N SER H 164 -5.89 17.20 23.02
CA SER H 164 -4.78 16.31 23.37
C SER H 164 -5.16 15.33 24.47
N ALA H 165 -4.54 14.16 24.45
CA ALA H 165 -4.83 13.12 25.43
C ALA H 165 -4.05 13.34 26.72
N ILE H 166 -4.54 12.75 27.81
CA ILE H 166 -3.83 12.76 29.07
C ILE H 166 -3.09 11.44 29.22
N THR H 167 -1.84 11.42 28.76
CA THR H 167 -1.06 10.19 28.65
C THR H 167 -0.29 9.86 29.91
N GLN H 168 -0.68 8.77 30.57
CA GLN H 168 -0.01 8.33 31.80
C GLN H 168 0.51 6.90 31.66
N GLY H 169 1.71 6.66 32.17
CA GLY H 169 2.32 5.34 32.10
C GLY H 169 2.17 4.55 33.39
N LYS H 170 2.97 3.51 33.52
CA LYS H 170 2.93 2.65 34.71
C LYS H 170 4.30 2.57 35.37
N ARG H 171 4.31 2.35 36.69
CA ARG H 171 5.55 2.35 37.45
C ARG H 171 6.18 0.96 37.50
N LYS I 3 14.44 -28.08 -13.53
CA LYS I 3 15.27 -27.30 -14.47
C LYS I 3 14.24 -26.68 -15.42
N LYS J 3 0.38 -8.65 -0.90
CA LYS J 3 0.66 -7.41 -1.70
C LYS J 3 1.92 -7.58 -2.57
#